data_3AG9
#
_entry.id   3AG9
#
_cell.length_a   74.68
_cell.length_b   88.04
_cell.length_c   115.07
_cell.angle_alpha   90.00
_cell.angle_beta   90.00
_cell.angle_gamma   90.00
#
_symmetry.space_group_name_H-M   'P 21 21 21'
#
loop_
_entity.id
_entity.type
_entity.pdbx_description
1 polymer 'cAMP-dependent protein kinase catalytic subunit alpha'
2 non-polymer (10R,20R,23R)-10-(4-aminobutyl)-1-[(2S,3S,4R,5R)-5-(6-amino-9H-purin-9-yl)-3,4-dihydroxytetrahydrofuran-2-yl]-20,23-bis(3-carbamimidamidopropyl)-1,8,11,18,21-pentaoxo-2,9,12,19,22-pentaazatetracosan-24-amide
3 water water
#
_entity_poly.entity_id   1
_entity_poly.type   'polypeptide(L)'
_entity_poly.pdbx_seq_one_letter_code
;MGNAAAAKKGSEQESVKEFLAKAKEDFLKKWENPAQNTAHLDQFERIKTLGTGSFGRVMLVKHMETGNHYAMKILDKQKV
VKLKQIEHTLNEKRILQAVNFPFLVKLEFSFKDNSNLYMVMEYVPGGEMFSHLRRIGRFSEPHARFYAAQIVLTFEYLHS
LDLIYRDLKPENLLIDQQGYIQVTDFGFAKRVKGRTW(TPO)LCGTPEYLAPEIILSKGYNKAVDWWALGVLIYEMAAGY
PPFFADQPIQIYEKIVSGKVRFPSHFSSDLKDLLRNLLQVDLTKRFGNLKNGVNDIKNHKWFATTDWIAIYQRKVEAPFI
PKFKGPGDTSNFDDYEEEEIRV(SEP)INEKCGKEFSEF
;
_entity_poly.pdbx_strand_id   A,B
#
loop_
_chem_comp.id
_chem_comp.type
_chem_comp.name
_chem_comp.formula
A02 peptide-like (10R,20R,23R)-10-(4-aminobutyl)-1-[(2S,3S,4R,5R)-5-(6-amino-9H-purin-9-yl)-3,4-dihydroxytetrahydrofuran-2-yl]-20,23-bis(3-carbamimidamidopropyl)-1,8,11,18,21-pentaoxo-2,9,12,19,22-pentaazatetracosan-24-amide 'C40 H70 N18 O9'
#
# COMPACT_ATOMS: atom_id res chain seq x y z
N SER A 15 -26.33 28.95 6.14
CA SER A 15 -24.91 29.05 6.59
C SER A 15 -24.36 27.69 6.99
N VAL A 16 -25.25 26.80 7.46
CA VAL A 16 -24.90 25.39 7.60
C VAL A 16 -24.52 24.87 6.22
N LYS A 17 -25.33 25.22 5.23
CA LYS A 17 -25.05 24.91 3.83
C LYS A 17 -23.65 25.37 3.41
N GLU A 18 -23.28 26.57 3.84
CA GLU A 18 -21.99 27.16 3.43
C GLU A 18 -20.80 26.65 4.24
N PHE A 19 -21.05 26.30 5.50
CA PHE A 19 -20.08 25.58 6.31
C PHE A 19 -19.72 24.27 5.60
N LEU A 20 -20.76 23.50 5.24
CA LEU A 20 -20.58 22.19 4.62
C LEU A 20 -19.90 22.23 3.25
N ALA A 21 -20.15 23.29 2.48
CA ALA A 21 -19.54 23.46 1.17
C ALA A 21 -18.04 23.71 1.32
N LYS A 22 -17.67 24.58 2.25
CA LYS A 22 -16.26 24.82 2.50
C LYS A 22 -15.60 23.53 3.02
N ALA A 23 -16.27 22.86 3.95
CA ALA A 23 -15.77 21.60 4.49
C ALA A 23 -15.55 20.56 3.38
N LYS A 24 -16.41 20.57 2.36
CA LYS A 24 -16.24 19.65 1.23
C LYS A 24 -15.02 19.98 0.36
N GLU A 25 -14.81 21.28 0.12
CA GLU A 25 -13.63 21.75 -0.60
C GLU A 25 -12.34 21.38 0.13
N ASP A 26 -12.27 21.61 1.44
CA ASP A 26 -11.11 21.20 2.23
C ASP A 26 -10.90 19.69 2.07
N PHE A 27 -12.00 18.94 2.18
CA PHE A 27 -11.96 17.47 2.11
C PHE A 27 -11.48 16.92 0.77
N LEU A 28 -12.09 17.39 -0.32
CA LEU A 28 -11.77 16.88 -1.66
C LEU A 28 -10.31 17.11 -2.00
N LYS A 29 -9.80 18.27 -1.59
CA LYS A 29 -8.39 18.61 -1.79
C LYS A 29 -7.49 17.52 -1.20
N LYS A 30 -7.71 17.22 0.08
CA LYS A 30 -6.89 16.23 0.79
C LYS A 30 -7.18 14.80 0.34
N TRP A 31 -8.43 14.54 -0.03
CA TRP A 31 -8.87 13.21 -0.47
C TRP A 31 -8.23 12.82 -1.82
N GLU A 32 -8.08 13.79 -2.70
CA GLU A 32 -7.53 13.53 -4.01
C GLU A 32 -6.00 13.49 -3.99
N ASN A 33 -5.39 14.27 -3.11
CA ASN A 33 -3.94 14.27 -2.97
C ASN A 33 -3.53 14.06 -1.50
N PRO A 34 -3.58 12.80 -1.04
CA PRO A 34 -3.34 12.52 0.38
C PRO A 34 -1.92 12.86 0.83
N ALA A 35 -1.83 13.46 2.02
CA ALA A 35 -0.54 13.78 2.61
C ALA A 35 0.17 12.51 3.07
N GLN A 36 1.46 12.43 2.80
CA GLN A 36 2.28 11.27 3.16
C GLN A 36 3.53 11.71 3.90
N ASN A 37 3.96 10.90 4.87
CA ASN A 37 5.21 11.11 5.60
C ASN A 37 5.31 12.56 6.08
N THR A 38 4.33 12.97 6.89
CA THR A 38 4.26 14.36 7.38
C THR A 38 5.00 14.54 8.69
N ALA A 39 5.65 13.48 9.15
CA ALA A 39 6.54 13.50 10.30
C ALA A 39 7.52 12.33 10.14
N HIS A 40 8.42 12.19 11.10
CA HIS A 40 9.29 11.01 11.15
C HIS A 40 9.48 10.64 12.60
N LEU A 41 9.86 9.39 12.84
CA LEU A 41 9.93 8.84 14.19
C LEU A 41 10.90 9.59 15.12
N ASP A 42 12.02 10.07 14.58
CA ASP A 42 13.02 10.77 15.42
C ASP A 42 12.52 12.14 15.95
N GLN A 43 11.37 12.58 15.45
CA GLN A 43 10.76 13.82 15.91
C GLN A 43 9.95 13.63 17.21
N PHE A 44 9.73 12.37 17.59
CA PHE A 44 8.88 12.07 18.76
C PHE A 44 9.62 11.50 19.96
N GLU A 45 9.35 12.09 21.12
CA GLU A 45 9.85 11.59 22.38
C GLU A 45 8.83 10.59 22.91
N ARG A 46 9.31 9.39 23.20
CA ARG A 46 8.45 8.28 23.62
C ARG A 46 8.22 8.33 25.12
N ILE A 47 6.97 8.52 25.53
CA ILE A 47 6.68 8.70 26.95
C ILE A 47 6.24 7.40 27.62
N LYS A 48 5.19 6.78 27.09
CA LYS A 48 4.62 5.58 27.73
C LYS A 48 3.82 4.76 26.72
N THR A 49 3.98 3.44 26.80
CA THR A 49 3.12 2.52 26.06
C THR A 49 1.77 2.42 26.76
N LEU A 50 0.71 2.76 26.05
CA LEU A 50 -0.65 2.77 26.63
C LEU A 50 -1.36 1.41 26.53
N GLY A 51 -1.01 0.65 25.51
CA GLY A 51 -1.62 -0.64 25.30
C GLY A 51 -1.02 -1.25 24.05
N THR A 52 -1.35 -2.53 23.82
CA THR A 52 -0.88 -3.24 22.64
C THR A 52 -2.05 -3.76 21.84
N GLY A 53 -2.28 -3.12 20.69
CA GLY A 53 -3.32 -3.54 19.74
C GLY A 53 -2.91 -4.69 18.85
N SER A 54 -3.70 -4.87 17.78
CA SER A 54 -3.56 -6.02 16.88
C SER A 54 -2.27 -5.97 16.07
N PHE A 55 -1.91 -4.77 15.62
CA PHE A 55 -0.78 -4.58 14.71
C PHE A 55 0.43 -4.00 15.41
N GLY A 56 0.27 -3.54 16.65
CA GLY A 56 1.38 -3.02 17.46
C GLY A 56 0.93 -2.08 18.58
N ARG A 57 1.91 -1.48 19.26
CA ARG A 57 1.65 -0.68 20.44
C ARG A 57 1.03 0.68 20.13
N VAL A 58 0.36 1.25 21.12
CA VAL A 58 -0.06 2.64 21.08
C VAL A 58 0.76 3.34 22.16
N MET A 59 1.40 4.45 21.79
CA MET A 59 2.30 5.15 22.71
C MET A 59 1.96 6.61 22.84
N LEU A 60 2.01 7.09 24.08
CA LEU A 60 1.99 8.52 24.35
C LEU A 60 3.36 9.08 24.00
N VAL A 61 3.36 10.08 23.13
CA VAL A 61 4.58 10.71 22.63
C VAL A 61 4.43 12.22 22.65
N LYS A 62 5.58 12.89 22.56
CA LYS A 62 5.61 14.32 22.45
C LYS A 62 6.40 14.72 21.21
N HIS A 63 5.83 15.60 20.38
CA HIS A 63 6.52 16.12 19.22
C HIS A 63 7.60 17.06 19.72
N MET A 64 8.85 16.71 19.46
CA MET A 64 9.95 17.43 20.06
C MET A 64 10.17 18.82 19.48
N GLU A 65 9.52 19.10 18.36
CA GLU A 65 9.68 20.41 17.74
C GLU A 65 8.57 21.38 18.14
N THR A 66 7.55 20.89 18.84
CA THR A 66 6.46 21.79 19.23
C THR A 66 6.04 21.67 20.69
N GLY A 67 6.21 20.49 21.28
CA GLY A 67 5.78 20.21 22.65
C GLY A 67 4.42 19.56 22.79
N ASN A 68 3.66 19.51 21.69
CA ASN A 68 2.35 18.86 21.68
C ASN A 68 2.49 17.37 21.90
N HIS A 69 1.62 16.83 22.75
CA HIS A 69 1.56 15.39 23.01
C HIS A 69 0.52 14.71 22.13
N TYR A 70 0.79 13.44 21.79
CA TYR A 70 -0.05 12.67 20.87
C TYR A 70 -0.12 11.19 21.26
N ALA A 71 -1.10 10.47 20.72
CA ALA A 71 -1.11 9.01 20.81
C ALA A 71 -0.67 8.43 19.47
N MET A 72 0.54 7.88 19.44
CA MET A 72 1.09 7.30 18.22
C MET A 72 0.76 5.82 18.13
N LYS A 73 -0.02 5.44 17.11
CA LYS A 73 -0.29 4.02 16.88
C LYS A 73 0.77 3.47 15.93
N ILE A 74 1.37 2.35 16.33
CA ILE A 74 2.39 1.68 15.51
C ILE A 74 1.75 0.43 14.91
N LEU A 75 1.82 0.29 13.59
CA LEU A 75 1.28 -0.88 12.91
C LEU A 75 2.42 -1.58 12.18
N ASP A 76 2.75 -2.80 12.62
CA ASP A 76 3.73 -3.63 11.96
C ASP A 76 3.18 -4.03 10.58
N LYS A 77 3.88 -3.67 9.51
CA LYS A 77 3.33 -3.89 8.16
C LYS A 77 3.10 -5.37 7.88
N GLN A 78 4.01 -6.21 8.33
CA GLN A 78 3.92 -7.64 8.03
C GLN A 78 2.71 -8.27 8.69
N LYS A 79 2.38 -7.79 9.90
CA LYS A 79 1.19 -8.23 10.61
C LYS A 79 -0.11 -7.76 9.94
N VAL A 80 -0.13 -6.54 9.42
CA VAL A 80 -1.28 -6.00 8.68
C VAL A 80 -1.54 -6.86 7.45
N VAL A 81 -0.47 -7.20 6.74
CA VAL A 81 -0.56 -8.12 5.60
C VAL A 81 -1.06 -9.49 6.06
N LYS A 82 -0.41 -10.05 7.08
CA LYS A 82 -0.77 -11.37 7.59
C LYS A 82 -2.25 -11.45 7.95
N LEU A 83 -2.76 -10.39 8.58
CA LEU A 83 -4.17 -10.34 8.98
C LEU A 83 -5.10 -9.84 7.87
N LYS A 84 -4.53 -9.59 6.69
CA LYS A 84 -5.31 -9.17 5.52
C LYS A 84 -6.08 -7.88 5.79
N GLN A 85 -5.39 -6.92 6.39
CA GLN A 85 -6.00 -5.63 6.73
C GLN A 85 -5.40 -4.47 5.94
N ILE A 86 -4.78 -4.76 4.81
CA ILE A 86 -4.14 -3.72 3.99
C ILE A 86 -5.17 -2.70 3.53
N GLU A 87 -6.26 -3.16 2.91
CA GLU A 87 -7.26 -2.26 2.33
C GLU A 87 -7.90 -1.39 3.40
N HIS A 88 -8.29 -2.01 4.53
CA HIS A 88 -8.93 -1.30 5.62
C HIS A 88 -8.01 -0.23 6.20
N THR A 89 -6.74 -0.58 6.39
CA THR A 89 -5.75 0.31 6.98
C THR A 89 -5.48 1.53 6.06
N LEU A 90 -5.27 1.25 4.78
CA LEU A 90 -5.05 2.28 3.77
C LEU A 90 -6.27 3.23 3.70
N ASN A 91 -7.46 2.64 3.64
CA ASN A 91 -8.71 3.39 3.55
C ASN A 91 -8.89 4.30 4.77
N GLU A 92 -8.68 3.74 5.96
CA GLU A 92 -8.87 4.50 7.18
C GLU A 92 -7.95 5.68 7.18
N LYS A 93 -6.67 5.45 6.88
CA LYS A 93 -5.69 6.52 6.82
C LYS A 93 -6.06 7.63 5.82
N ARG A 94 -6.46 7.23 4.61
CA ARG A 94 -6.83 8.18 3.55
C ARG A 94 -8.03 9.04 3.98
N ILE A 95 -9.00 8.41 4.60
CA ILE A 95 -10.16 9.13 5.12
C ILE A 95 -9.74 10.10 6.25
N LEU A 96 -9.03 9.58 7.25
CA LEU A 96 -8.69 10.35 8.43
C LEU A 96 -7.83 11.59 8.14
N GLN A 97 -6.91 11.51 7.20
CA GLN A 97 -6.08 12.67 6.84
C GLN A 97 -6.86 13.74 6.07
N ALA A 98 -8.05 13.37 5.59
CA ALA A 98 -8.86 14.28 4.76
C ALA A 98 -10.04 14.94 5.48
N VAL A 99 -10.40 14.42 6.65
CA VAL A 99 -11.56 14.95 7.39
C VAL A 99 -11.15 15.78 8.59
N ASN A 100 -12.11 16.57 9.09
CA ASN A 100 -11.90 17.42 10.25
C ASN A 100 -13.26 17.77 10.85
N PHE A 101 -13.53 17.23 12.02
CA PHE A 101 -14.78 17.52 12.72
C PHE A 101 -14.56 17.28 14.20
N PRO A 102 -15.25 18.03 15.07
CA PRO A 102 -14.96 17.89 16.49
C PRO A 102 -15.16 16.50 17.10
N PHE A 103 -16.00 15.65 16.50
CA PHE A 103 -16.31 14.35 17.10
C PHE A 103 -15.77 13.15 16.31
N LEU A 104 -14.73 13.39 15.51
CA LEU A 104 -14.04 12.36 14.73
C LEU A 104 -12.59 12.31 15.24
N VAL A 105 -12.05 11.12 15.48
CA VAL A 105 -10.64 11.03 15.91
C VAL A 105 -9.76 11.74 14.90
N LYS A 106 -8.84 12.57 15.40
CA LYS A 106 -8.01 13.38 14.53
C LYS A 106 -6.66 12.71 14.30
N LEU A 107 -6.38 12.41 13.03
CA LEU A 107 -5.06 11.97 12.61
C LEU A 107 -4.22 13.23 12.44
N GLU A 108 -3.23 13.42 13.30
CA GLU A 108 -2.40 14.62 13.22
C GLU A 108 -1.18 14.45 12.30
N PHE A 109 -0.51 13.30 12.38
CA PHE A 109 0.59 12.99 11.46
C PHE A 109 0.52 11.52 11.07
N SER A 110 1.07 11.21 9.90
CA SER A 110 1.36 9.83 9.55
C SER A 110 2.67 9.74 8.79
N PHE A 111 3.25 8.55 8.88
CA PHE A 111 4.50 8.23 8.21
C PHE A 111 4.73 6.73 8.31
N LYS A 112 5.75 6.27 7.59
CA LYS A 112 6.10 4.88 7.61
C LYS A 112 7.61 4.80 7.50
N ASP A 113 8.14 3.66 7.93
CA ASP A 113 9.54 3.36 7.75
C ASP A 113 9.65 1.91 7.26
N ASN A 114 10.84 1.32 7.33
CA ASN A 114 11.03 -0.04 6.84
C ASN A 114 10.07 -1.06 7.47
N SER A 115 9.76 -0.89 8.75
CA SER A 115 8.97 -1.89 9.48
C SER A 115 7.50 -1.56 9.68
N ASN A 116 7.22 -0.28 9.94
CA ASN A 116 5.95 0.10 10.49
C ASN A 116 5.28 1.20 9.74
N LEU A 117 3.95 1.26 9.89
CA LEU A 117 3.18 2.46 9.61
C LEU A 117 2.97 3.15 10.95
N TYR A 118 2.80 4.48 10.93
CA TYR A 118 2.54 5.22 12.16
C TYR A 118 1.38 6.17 11.94
N MET A 119 0.41 6.09 12.85
CA MET A 119 -0.74 7.01 12.87
C MET A 119 -0.65 7.81 14.17
N VAL A 120 -0.29 9.08 14.05
CA VAL A 120 -0.10 9.93 15.20
C VAL A 120 -1.43 10.65 15.39
N MET A 121 -2.16 10.23 16.41
CA MET A 121 -3.51 10.70 16.68
C MET A 121 -3.50 11.69 17.83
N GLU A 122 -4.56 12.47 17.92
CA GLU A 122 -4.76 13.29 19.08
C GLU A 122 -4.89 12.34 20.29
N TYR A 123 -4.30 12.75 21.40
CA TYR A 123 -4.33 11.97 22.61
C TYR A 123 -5.67 12.20 23.31
N VAL A 124 -6.48 11.15 23.38
CA VAL A 124 -7.85 11.26 23.82
C VAL A 124 -8.11 10.11 24.80
N PRO A 125 -7.56 10.22 26.03
CA PRO A 125 -7.85 9.14 26.97
C PRO A 125 -9.34 9.11 27.35
N GLY A 126 -9.84 7.95 27.79
CA GLY A 126 -11.25 7.84 28.23
C GLY A 126 -12.02 6.52 28.12
N GLY A 127 -11.77 5.70 27.11
CA GLY A 127 -12.45 4.41 26.96
C GLY A 127 -13.66 4.42 26.01
N GLU A 128 -14.03 3.24 25.53
CA GLU A 128 -15.07 3.09 24.52
C GLU A 128 -16.45 3.06 25.18
N MET A 129 -17.49 3.32 24.40
CA MET A 129 -18.84 3.39 24.95
C MET A 129 -19.41 2.04 25.34
N PHE A 130 -19.01 0.97 24.65
CA PHE A 130 -19.51 -0.38 24.97
C PHE A 130 -19.27 -0.69 26.45
N SER A 131 -18.02 -0.61 26.90
CA SER A 131 -17.70 -0.96 28.29
C SER A 131 -18.30 0.03 29.30
N HIS A 132 -18.35 1.30 28.93
CA HIS A 132 -19.02 2.32 29.77
C HIS A 132 -20.52 2.00 29.92
N LEU A 133 -21.18 1.68 28.81
CA LEU A 133 -22.59 1.27 28.86
C LEU A 133 -22.84 0.01 29.70
N ARG A 134 -21.96 -0.97 29.56
CA ARG A 134 -22.04 -2.18 30.37
C ARG A 134 -21.93 -1.87 31.86
N ARG A 135 -21.04 -0.95 32.22
CA ARG A 135 -20.86 -0.63 33.65
C ARG A 135 -22.06 0.17 34.19
N ILE A 136 -22.46 1.19 33.46
CA ILE A 136 -23.51 2.12 33.90
C ILE A 136 -24.90 1.48 33.84
N GLY A 137 -25.08 0.54 32.93
CA GLY A 137 -26.38 -0.13 32.75
C GLY A 137 -27.08 0.48 31.56
N ARG A 138 -27.61 1.69 31.74
CA ARG A 138 -28.20 2.44 30.64
C ARG A 138 -28.02 3.92 30.90
N PHE A 139 -28.08 4.72 29.85
CA PHE A 139 -28.00 6.16 30.01
C PHE A 139 -29.41 6.72 30.12
N SER A 140 -29.58 7.70 31.00
CA SER A 140 -30.83 8.45 31.02
C SER A 140 -31.04 9.05 29.63
N GLU A 141 -32.25 9.49 29.35
CA GLU A 141 -32.53 10.09 28.05
C GLU A 141 -31.72 11.36 27.78
N PRO A 142 -31.59 12.28 28.76
CA PRO A 142 -30.70 13.42 28.48
C PRO A 142 -29.24 13.02 28.17
N HIS A 143 -28.74 11.98 28.84
CA HIS A 143 -27.37 11.51 28.65
C HIS A 143 -27.23 10.89 27.24
N ALA A 144 -28.19 10.06 26.85
CA ALA A 144 -28.23 9.45 25.52
C ALA A 144 -28.37 10.50 24.41
N ARG A 145 -29.25 11.47 24.63
CA ARG A 145 -29.47 12.57 23.68
C ARG A 145 -28.21 13.39 23.43
N PHE A 146 -27.44 13.63 24.50
CA PHE A 146 -26.17 14.36 24.41
C PHE A 146 -25.21 13.66 23.42
N TYR A 147 -25.06 12.34 23.59
CA TYR A 147 -24.22 11.57 22.67
C TYR A 147 -24.82 11.50 21.27
N ALA A 148 -26.13 11.26 21.20
CA ALA A 148 -26.78 11.11 19.89
C ALA A 148 -26.63 12.38 19.06
N ALA A 149 -26.74 13.53 19.72
CA ALA A 149 -26.55 14.82 19.07
C ALA A 149 -25.17 14.94 18.38
N GLN A 150 -24.12 14.46 19.04
CA GLN A 150 -22.80 14.44 18.42
C GLN A 150 -22.73 13.51 17.19
N ILE A 151 -23.36 12.34 17.26
CA ILE A 151 -23.38 11.42 16.11
C ILE A 151 -24.19 12.04 14.93
N VAL A 152 -25.32 12.65 15.26
CA VAL A 152 -26.13 13.37 14.27
C VAL A 152 -25.30 14.41 13.49
N LEU A 153 -24.56 15.27 14.19
CA LEU A 153 -23.70 16.28 13.55
C LEU A 153 -22.55 15.65 12.75
N THR A 154 -21.97 14.58 13.27
CA THR A 154 -20.88 13.89 12.59
C THR A 154 -21.34 13.23 11.29
N PHE A 155 -22.51 12.58 11.33
CA PHE A 155 -23.08 12.00 10.11
C PHE A 155 -23.51 13.06 9.11
N GLU A 156 -24.10 14.16 9.59
CA GLU A 156 -24.38 15.31 8.73
C GLU A 156 -23.10 15.73 7.97
N TYR A 157 -22.00 15.83 8.70
CA TYR A 157 -20.71 16.16 8.11
C TYR A 157 -20.22 15.08 7.12
N LEU A 158 -20.09 13.83 7.60
CA LEU A 158 -19.59 12.74 6.73
C LEU A 158 -20.47 12.51 5.47
N HIS A 159 -21.79 12.55 5.64
CA HIS A 159 -22.71 12.35 4.51
C HIS A 159 -22.60 13.46 3.47
N SER A 160 -22.36 14.68 3.93
CA SER A 160 -22.16 15.82 3.02
C SER A 160 -20.94 15.61 2.12
N LEU A 161 -19.99 14.80 2.58
CA LEU A 161 -18.77 14.52 1.82
C LEU A 161 -18.92 13.24 0.98
N ASP A 162 -20.13 12.71 0.93
CA ASP A 162 -20.43 11.43 0.25
C ASP A 162 -19.78 10.23 0.92
N LEU A 163 -19.53 10.31 2.21
CA LEU A 163 -19.03 9.15 2.96
C LEU A 163 -20.19 8.42 3.62
N ILE A 164 -20.12 7.09 3.59
CA ILE A 164 -21.02 6.25 4.37
C ILE A 164 -20.11 5.65 5.44
N TYR A 165 -20.48 5.83 6.71
CA TYR A 165 -19.61 5.39 7.81
C TYR A 165 -19.70 3.86 7.94
N ARG A 166 -20.94 3.36 7.99
CA ARG A 166 -21.30 1.94 7.96
C ARG A 166 -20.57 1.02 8.96
N ASP A 167 -20.17 1.58 10.09
CA ASP A 167 -19.68 0.75 11.21
C ASP A 167 -20.07 1.31 12.58
N LEU A 168 -21.22 2.00 12.65
CA LEU A 168 -21.66 2.56 13.94
C LEU A 168 -22.01 1.43 14.91
N LYS A 169 -21.29 1.40 16.03
CA LYS A 169 -21.56 0.48 17.14
C LYS A 169 -20.89 1.13 18.35
N PRO A 170 -21.33 0.77 19.58
CA PRO A 170 -20.74 1.40 20.77
C PRO A 170 -19.21 1.26 20.87
N GLU A 171 -18.65 0.14 20.39
CA GLU A 171 -17.18 -0.02 20.47
C GLU A 171 -16.42 1.01 19.62
N ASN A 172 -17.09 1.63 18.65
CA ASN A 172 -16.42 2.61 17.79
C ASN A 172 -16.58 4.05 18.25
N LEU A 173 -17.10 4.20 19.46
CA LEU A 173 -17.33 5.51 20.05
C LEU A 173 -16.52 5.65 21.32
N LEU A 174 -15.50 6.48 21.26
CA LEU A 174 -14.72 6.77 22.45
C LEU A 174 -15.40 7.88 23.21
N ILE A 175 -15.30 7.85 24.53
CA ILE A 175 -15.74 8.97 25.34
C ILE A 175 -14.44 9.65 25.78
N ASP A 176 -14.23 10.90 25.39
CA ASP A 176 -12.99 11.59 25.69
C ASP A 176 -12.95 12.17 27.10
N GLN A 177 -11.83 12.81 27.40
CA GLN A 177 -11.55 13.37 28.72
C GLN A 177 -12.52 14.47 29.13
N GLN A 178 -13.20 15.06 28.14
CA GLN A 178 -14.24 16.08 28.35
C GLN A 178 -15.66 15.46 28.43
N GLY A 179 -15.76 14.15 28.25
CA GLY A 179 -17.06 13.46 28.24
C GLY A 179 -17.79 13.54 26.90
N TYR A 180 -17.08 13.96 25.86
CA TYR A 180 -17.62 14.02 24.52
C TYR A 180 -17.25 12.76 23.76
N ILE A 181 -17.97 12.56 22.66
CA ILE A 181 -17.82 11.40 21.79
C ILE A 181 -16.71 11.65 20.78
N GLN A 182 -15.89 10.62 20.52
CA GLN A 182 -15.02 10.58 19.35
C GLN A 182 -15.26 9.29 18.58
N VAL A 183 -15.72 9.43 17.34
CA VAL A 183 -15.90 8.29 16.47
C VAL A 183 -14.53 7.85 15.97
N THR A 184 -14.25 6.56 16.15
CA THR A 184 -13.00 5.95 15.73
C THR A 184 -13.26 4.79 14.74
N ASP A 185 -12.22 4.30 14.08
CA ASP A 185 -12.32 3.18 13.16
C ASP A 185 -13.08 3.48 11.85
N PHE A 186 -12.33 3.98 10.87
CA PHE A 186 -12.90 4.28 9.55
C PHE A 186 -12.47 3.25 8.52
N GLY A 187 -12.19 2.05 9.01
CA GLY A 187 -11.80 0.90 8.19
C GLY A 187 -12.83 0.53 7.14
N PHE A 188 -14.11 0.52 7.53
CA PHE A 188 -15.18 0.18 6.59
C PHE A 188 -15.76 1.36 5.80
N ALA A 189 -15.56 2.58 6.29
CA ALA A 189 -16.16 3.77 5.67
C ALA A 189 -15.85 3.85 4.18
N LYS A 190 -16.82 4.27 3.39
CA LYS A 190 -16.61 4.35 1.95
C LYS A 190 -17.15 5.65 1.39
N ARG A 191 -16.34 6.30 0.56
CA ARG A 191 -16.80 7.41 -0.25
C ARG A 191 -17.62 6.89 -1.44
N VAL A 192 -18.92 7.15 -1.39
CA VAL A 192 -19.91 6.51 -2.26
C VAL A 192 -20.82 7.60 -2.80
N LYS A 193 -20.82 7.81 -4.10
CA LYS A 193 -21.85 8.65 -4.68
C LYS A 193 -22.94 7.76 -5.27
N GLY A 194 -24.05 7.65 -4.55
CA GLY A 194 -25.15 6.78 -4.99
C GLY A 194 -25.29 5.57 -4.11
N ARG A 195 -25.20 4.37 -4.70
CA ARG A 195 -25.37 3.14 -3.93
C ARG A 195 -24.16 2.22 -3.91
N THR A 196 -24.12 1.33 -2.91
CA THR A 196 -23.06 0.35 -2.78
C THR A 196 -23.60 -0.98 -2.22
N TRP A 197 -22.79 -2.03 -2.23
CA TRP A 197 -23.29 -3.38 -1.94
C TRP A 197 -22.58 -4.21 -0.87
N TPO A 198 -21.37 -3.83 -0.47
CA TPO A 198 -20.57 -4.65 0.45
CB TPO A 198 -19.17 -4.08 0.62
CG2 TPO A 198 -18.21 -5.03 1.34
OG1 TPO A 198 -18.63 -3.74 -0.67
P TPO A 198 -18.34 -2.19 -1.01
O1P TPO A 198 -17.18 -1.79 -0.16
O2P TPO A 198 -19.62 -1.48 -0.62
O3P TPO A 198 -18.10 -2.18 -2.49
C TPO A 198 -21.21 -4.88 1.81
O TPO A 198 -21.59 -3.94 2.51
N LEU A 199 -21.31 -6.16 2.18
CA LEU A 199 -21.74 -6.56 3.50
C LEU A 199 -20.59 -6.39 4.48
N CYS A 200 -20.75 -5.45 5.39
CA CYS A 200 -19.81 -5.28 6.47
C CYS A 200 -20.51 -4.73 7.70
N GLY A 201 -19.82 -4.77 8.83
CA GLY A 201 -20.41 -4.26 10.06
C GLY A 201 -21.02 -5.36 10.90
N THR A 202 -21.38 -5.00 12.12
CA THR A 202 -21.83 -5.93 13.15
C THR A 202 -23.33 -6.16 13.00
N PRO A 203 -23.77 -7.43 12.95
CA PRO A 203 -25.15 -7.78 12.65
C PRO A 203 -26.23 -6.93 13.32
N GLU A 204 -26.13 -6.72 14.64
CA GLU A 204 -27.16 -5.98 15.41
C GLU A 204 -27.47 -4.62 14.83
N TYR A 205 -26.49 -4.01 14.17
CA TYR A 205 -26.58 -2.61 13.76
C TYR A 205 -26.94 -2.43 12.29
N LEU A 206 -27.09 -3.55 11.58
CA LEU A 206 -27.32 -3.52 10.13
C LEU A 206 -28.76 -3.21 9.75
N ALA A 207 -28.90 -2.34 8.75
CA ALA A 207 -30.21 -1.98 8.21
C ALA A 207 -30.77 -3.14 7.35
N PRO A 208 -32.11 -3.24 7.22
CA PRO A 208 -32.74 -4.32 6.44
C PRO A 208 -32.18 -4.44 5.02
N GLU A 209 -31.92 -3.31 4.38
CA GLU A 209 -31.49 -3.32 2.98
C GLU A 209 -30.09 -3.87 2.79
N ILE A 210 -29.24 -3.77 3.82
CA ILE A 210 -27.94 -4.43 3.81
C ILE A 210 -28.13 -5.95 3.81
N ILE A 211 -28.86 -6.44 4.81
CA ILE A 211 -29.16 -7.86 5.02
C ILE A 211 -29.76 -8.53 3.80
N LEU A 212 -30.69 -7.83 3.14
CA LEU A 212 -31.41 -8.42 2.02
C LEU A 212 -30.70 -8.22 0.69
N SER A 213 -29.46 -7.75 0.73
CA SER A 213 -28.62 -7.51 -0.46
C SER A 213 -29.39 -6.76 -1.53
N LYS A 214 -29.95 -5.61 -1.15
CA LYS A 214 -30.72 -4.77 -2.07
C LYS A 214 -29.86 -3.65 -2.66
N GLY A 215 -28.61 -3.55 -2.20
CA GLY A 215 -27.83 -2.34 -2.43
C GLY A 215 -28.32 -1.32 -1.41
N TYR A 216 -27.46 -0.39 -1.01
CA TYR A 216 -27.81 0.53 0.06
C TYR A 216 -27.07 1.87 -0.04
N ASN A 217 -27.55 2.84 0.73
CA ASN A 217 -26.96 4.18 0.73
C ASN A 217 -26.66 4.68 2.15
N LYS A 218 -26.39 5.97 2.26
CA LYS A 218 -26.00 6.59 3.52
C LYS A 218 -27.06 6.40 4.64
N ALA A 219 -28.31 6.13 4.27
CA ALA A 219 -29.39 5.94 5.26
C ALA A 219 -29.16 4.74 6.20
N VAL A 220 -28.26 3.83 5.82
CA VAL A 220 -27.90 2.73 6.72
C VAL A 220 -27.27 3.28 8.01
N ASP A 221 -26.65 4.45 7.92
CA ASP A 221 -26.07 5.10 9.11
C ASP A 221 -27.17 5.63 10.04
N TRP A 222 -28.27 6.11 9.44
CA TRP A 222 -29.40 6.62 10.22
C TRP A 222 -30.15 5.51 10.94
N TRP A 223 -30.26 4.34 10.29
CA TRP A 223 -30.81 3.16 10.92
C TRP A 223 -29.93 2.73 12.10
N ALA A 224 -28.62 2.69 11.88
CA ALA A 224 -27.66 2.30 12.92
C ALA A 224 -27.71 3.27 14.11
N LEU A 225 -27.96 4.55 13.83
CA LEU A 225 -28.15 5.53 14.91
C LEU A 225 -29.37 5.20 15.73
N GLY A 226 -30.43 4.79 15.04
CA GLY A 226 -31.64 4.32 15.70
C GLY A 226 -31.28 3.20 16.66
N VAL A 227 -30.48 2.26 16.18
CA VAL A 227 -30.11 1.13 17.01
C VAL A 227 -29.30 1.61 18.22
N LEU A 228 -28.36 2.50 17.96
CA LEU A 228 -27.49 3.03 19.01
C LEU A 228 -28.26 3.77 20.10
N ILE A 229 -29.18 4.63 19.70
CA ILE A 229 -29.97 5.39 20.66
C ILE A 229 -30.81 4.45 21.55
N TYR A 230 -31.47 3.48 20.92
CA TYR A 230 -32.21 2.47 21.66
C TYR A 230 -31.28 1.77 22.67
N GLU A 231 -30.10 1.34 22.21
CA GLU A 231 -29.18 0.59 23.07
C GLU A 231 -28.68 1.46 24.23
N MET A 232 -28.32 2.71 23.94
CA MET A 232 -27.89 3.66 24.97
C MET A 232 -28.98 3.86 26.02
N ALA A 233 -30.21 4.06 25.56
CA ALA A 233 -31.34 4.29 26.47
C ALA A 233 -31.91 3.04 27.16
N ALA A 234 -31.80 1.88 26.52
CA ALA A 234 -32.32 0.61 27.05
C ALA A 234 -31.28 -0.16 27.83
N GLY A 235 -30.02 0.00 27.41
CA GLY A 235 -28.93 -0.82 27.92
C GLY A 235 -28.68 -2.06 27.08
N TYR A 236 -29.49 -2.24 26.04
CA TYR A 236 -29.40 -3.41 25.14
C TYR A 236 -30.00 -3.04 23.79
N PRO A 237 -29.55 -3.70 22.70
CA PRO A 237 -29.99 -3.26 21.38
C PRO A 237 -31.37 -3.82 21.08
N PRO A 238 -32.10 -3.20 20.12
CA PRO A 238 -33.49 -3.57 19.87
C PRO A 238 -33.65 -4.95 19.26
N PHE A 239 -32.71 -5.35 18.41
CA PHE A 239 -32.77 -6.63 17.73
C PHE A 239 -31.59 -7.48 18.16
N PHE A 240 -31.89 -8.48 18.98
CA PHE A 240 -30.88 -9.36 19.55
C PHE A 240 -31.36 -10.80 19.52
N ALA A 241 -30.41 -11.71 19.31
CA ALA A 241 -30.64 -13.14 19.37
C ALA A 241 -29.29 -13.85 19.50
N ASP A 242 -29.33 -15.14 19.79
CA ASP A 242 -28.11 -15.93 19.97
C ASP A 242 -27.46 -16.26 18.62
N GLN A 243 -28.28 -16.41 17.59
CA GLN A 243 -27.80 -16.73 16.25
C GLN A 243 -28.08 -15.55 15.30
N PRO A 244 -27.08 -15.16 14.49
CA PRO A 244 -27.21 -14.00 13.60
C PRO A 244 -28.41 -14.06 12.66
N ILE A 245 -28.82 -15.27 12.27
CA ILE A 245 -30.00 -15.44 11.40
C ILE A 245 -31.30 -15.00 12.10
N GLN A 246 -31.39 -15.27 13.40
CA GLN A 246 -32.50 -14.79 14.22
C GLN A 246 -32.41 -13.27 14.43
N ILE A 247 -31.18 -12.73 14.46
CA ILE A 247 -30.98 -11.28 14.46
C ILE A 247 -31.48 -10.68 13.14
N TYR A 248 -31.06 -11.26 12.02
CA TYR A 248 -31.53 -10.83 10.69
C TYR A 248 -33.04 -10.89 10.55
N GLU A 249 -33.63 -11.97 11.04
CA GLU A 249 -35.09 -12.14 10.99
C GLU A 249 -35.82 -11.01 11.70
N LYS A 250 -35.32 -10.60 12.86
CA LYS A 250 -35.92 -9.51 13.63
C LYS A 250 -35.80 -8.16 12.94
N ILE A 251 -34.60 -7.88 12.42
CA ILE A 251 -34.34 -6.63 11.71
C ILE A 251 -35.27 -6.45 10.51
N VAL A 252 -35.43 -7.52 9.73
CA VAL A 252 -36.21 -7.53 8.49
C VAL A 252 -37.73 -7.40 8.74
N SER A 253 -38.18 -7.87 9.92
CA SER A 253 -39.59 -7.78 10.30
C SER A 253 -40.02 -6.33 10.51
N GLY A 254 -39.13 -5.53 11.10
CA GLY A 254 -39.39 -4.13 11.41
C GLY A 254 -39.87 -3.95 12.85
N LYS A 255 -40.67 -4.91 13.31
CA LYS A 255 -41.27 -4.87 14.64
C LYS A 255 -40.24 -4.63 15.75
N VAL A 256 -40.36 -3.48 16.41
CA VAL A 256 -39.51 -3.12 17.54
C VAL A 256 -40.36 -3.06 18.81
N ARG A 257 -39.87 -3.70 19.87
CA ARG A 257 -40.48 -3.55 21.18
C ARG A 257 -39.65 -2.61 22.03
N PHE A 258 -40.31 -1.66 22.69
CA PHE A 258 -39.63 -0.66 23.52
C PHE A 258 -39.73 -0.97 25.00
N PRO A 259 -38.66 -0.66 25.76
CA PRO A 259 -38.77 -0.72 27.23
C PRO A 259 -39.87 0.24 27.67
N SER A 260 -40.53 -0.08 28.78
CA SER A 260 -41.65 0.73 29.26
C SER A 260 -41.24 2.13 29.72
N HIS A 261 -39.98 2.30 30.11
CA HIS A 261 -39.49 3.61 30.59
C HIS A 261 -39.14 4.62 29.46
N PHE A 262 -39.10 4.15 28.21
CA PHE A 262 -38.85 5.05 27.07
C PHE A 262 -39.92 6.14 27.00
N SER A 263 -39.49 7.40 26.94
CA SER A 263 -40.44 8.52 26.75
C SER A 263 -41.21 8.31 25.46
N SER A 264 -42.36 8.97 25.32
CA SER A 264 -43.15 8.88 24.10
C SER A 264 -42.39 9.50 22.92
N ASP A 265 -41.72 10.63 23.18
CA ASP A 265 -40.84 11.27 22.20
C ASP A 265 -39.73 10.34 21.69
N LEU A 266 -39.12 9.56 22.58
CA LEU A 266 -38.04 8.65 22.16
C LEU A 266 -38.55 7.52 21.28
N LYS A 267 -39.68 6.93 21.70
CA LYS A 267 -40.34 5.91 20.89
C LYS A 267 -40.60 6.40 19.48
N ASP A 268 -41.11 7.62 19.35
CA ASP A 268 -41.46 8.16 18.04
C ASP A 268 -40.21 8.36 17.16
N LEU A 269 -39.19 8.99 17.73
CA LEU A 269 -37.94 9.16 17.00
C LEU A 269 -37.45 7.81 16.49
N LEU A 270 -37.45 6.81 17.37
CA LEU A 270 -36.87 5.51 17.04
C LEU A 270 -37.68 4.75 15.99
N ARG A 271 -39.01 4.86 16.03
CA ARG A 271 -39.85 4.34 14.96
C ARG A 271 -39.52 4.98 13.60
N ASN A 272 -39.10 6.24 13.60
CA ASN A 272 -38.73 6.96 12.38
C ASN A 272 -37.30 6.66 11.87
N LEU A 273 -36.40 6.30 12.78
CA LEU A 273 -35.05 5.89 12.40
C LEU A 273 -35.00 4.41 12.03
N LEU A 274 -35.64 3.57 12.87
CA LEU A 274 -35.74 2.13 12.59
C LEU A 274 -36.90 1.83 11.63
N GLN A 275 -36.89 2.57 10.53
CA GLN A 275 -37.93 2.50 9.54
C GLN A 275 -37.41 1.69 8.38
N VAL A 276 -38.02 0.53 8.13
CA VAL A 276 -37.61 -0.33 7.00
C VAL A 276 -37.85 0.34 5.64
N ASP A 277 -38.96 1.06 5.52
CA ASP A 277 -39.31 1.78 4.29
C ASP A 277 -38.45 3.03 4.13
N LEU A 278 -37.58 3.01 3.13
CA LEU A 278 -36.60 4.07 2.89
C LEU A 278 -37.21 5.43 2.55
N THR A 279 -38.45 5.42 2.06
CA THR A 279 -39.16 6.64 1.71
C THR A 279 -39.82 7.27 2.93
N LYS A 280 -39.60 6.68 4.10
CA LYS A 280 -40.11 7.25 5.33
C LYS A 280 -39.02 7.41 6.38
N ARG A 281 -37.83 6.88 6.12
CA ARG A 281 -36.80 6.85 7.15
C ARG A 281 -36.17 8.21 7.39
N PHE A 282 -36.21 8.67 8.64
CA PHE A 282 -35.56 9.91 9.00
C PHE A 282 -34.08 9.90 8.60
N GLY A 283 -33.66 10.99 7.96
CA GLY A 283 -32.27 11.14 7.48
C GLY A 283 -32.12 10.78 6.00
N ASN A 284 -33.16 10.20 5.41
CA ASN A 284 -33.14 9.81 3.99
C ASN A 284 -34.08 10.66 3.11
N LEU A 285 -34.74 11.65 3.71
CA LEU A 285 -35.78 12.43 3.00
C LEU A 285 -35.28 13.80 2.50
N LYS A 286 -36.19 14.57 1.92
CA LYS A 286 -35.79 15.83 1.24
C LYS A 286 -35.06 16.79 2.18
N ASN A 287 -35.46 16.82 3.45
CA ASN A 287 -34.81 17.69 4.43
C ASN A 287 -33.63 17.03 5.15
N GLY A 288 -33.37 15.77 4.83
CA GLY A 288 -32.23 15.03 5.36
C GLY A 288 -32.13 15.03 6.87
N VAL A 289 -30.96 15.46 7.38
CA VAL A 289 -30.68 15.44 8.82
C VAL A 289 -31.66 16.31 9.62
N ASN A 290 -32.23 17.34 9.00
CA ASN A 290 -33.09 18.27 9.72
C ASN A 290 -34.37 17.67 10.28
N ASP A 291 -34.86 16.59 9.66
CA ASP A 291 -36.00 15.87 10.21
C ASP A 291 -35.64 15.34 11.60
N ILE A 292 -34.39 14.94 11.76
CA ILE A 292 -33.91 14.40 13.02
C ILE A 292 -33.62 15.54 13.98
N LYS A 293 -32.92 16.56 13.51
CA LYS A 293 -32.60 17.72 14.35
C LYS A 293 -33.84 18.47 14.86
N ASN A 294 -34.91 18.49 14.05
CA ASN A 294 -36.17 19.16 14.43
C ASN A 294 -37.14 18.26 15.22
N HIS A 295 -36.79 17.00 15.42
CA HIS A 295 -37.70 16.09 16.11
C HIS A 295 -37.86 16.49 17.57
N LYS A 296 -39.07 16.30 18.11
CA LYS A 296 -39.40 16.68 19.50
C LYS A 296 -38.39 16.17 20.52
N TRP A 297 -37.95 14.92 20.38
CA TRP A 297 -36.95 14.35 21.29
C TRP A 297 -35.70 15.23 21.43
N PHE A 298 -35.34 15.93 20.36
CA PHE A 298 -34.19 16.84 20.37
C PHE A 298 -34.51 18.32 20.67
N ALA A 299 -35.75 18.61 21.09
CA ALA A 299 -36.20 19.98 21.31
C ALA A 299 -35.27 20.78 22.24
N THR A 300 -34.75 20.15 23.28
CA THR A 300 -33.89 20.83 24.23
C THR A 300 -32.42 20.89 23.81
N THR A 301 -32.08 20.26 22.70
CA THR A 301 -30.68 20.20 22.24
C THR A 301 -30.21 21.53 21.64
N ASP A 302 -29.14 22.07 22.19
CA ASP A 302 -28.51 23.25 21.64
C ASP A 302 -27.40 22.78 20.70
N TRP A 303 -27.75 22.64 19.42
CA TRP A 303 -26.85 22.07 18.41
C TRP A 303 -25.50 22.81 18.29
N ILE A 304 -25.55 24.13 18.34
CA ILE A 304 -24.33 24.96 18.25
C ILE A 304 -23.45 24.74 19.47
N ALA A 305 -24.04 24.74 20.66
CA ALA A 305 -23.27 24.54 21.88
C ALA A 305 -22.59 23.16 21.94
N ILE A 306 -23.29 22.15 21.42
CA ILE A 306 -22.76 20.78 21.31
C ILE A 306 -21.55 20.81 20.37
N TYR A 307 -21.74 21.37 19.19
CA TYR A 307 -20.67 21.46 18.19
C TYR A 307 -19.45 22.22 18.72
N GLN A 308 -19.69 23.26 19.51
CA GLN A 308 -18.61 24.11 20.01
C GLN A 308 -17.98 23.53 21.29
N ARG A 309 -18.53 22.38 21.75
CA ARG A 309 -18.07 21.70 22.95
C ARG A 309 -18.24 22.56 24.21
N LYS A 310 -19.33 23.31 24.28
CA LYS A 310 -19.60 24.20 25.39
C LYS A 310 -20.59 23.67 26.42
N VAL A 311 -21.32 22.62 26.07
CA VAL A 311 -22.22 21.94 27.01
C VAL A 311 -21.38 21.09 27.98
N GLU A 312 -21.68 21.12 29.29
CA GLU A 312 -20.96 20.20 30.19
C GLU A 312 -21.51 18.79 30.06
N ALA A 313 -20.60 17.83 29.90
CA ALA A 313 -20.97 16.44 29.65
C ALA A 313 -21.63 15.84 30.89
N PRO A 314 -22.56 14.90 30.68
CA PRO A 314 -23.22 14.25 31.81
C PRO A 314 -22.28 13.35 32.62
N PHE A 315 -21.12 13.03 32.05
CA PHE A 315 -20.25 12.04 32.66
C PHE A 315 -18.81 12.19 32.16
N ILE A 316 -17.87 12.30 33.10
CA ILE A 316 -16.46 12.36 32.74
C ILE A 316 -15.80 11.03 33.14
N PRO A 317 -15.22 10.32 32.17
CA PRO A 317 -14.67 9.00 32.48
C PRO A 317 -13.38 9.11 33.28
N LYS A 318 -13.08 8.09 34.09
CA LYS A 318 -11.77 7.97 34.70
C LYS A 318 -10.92 6.95 33.92
N PHE A 319 -9.60 7.13 33.92
CA PHE A 319 -8.68 6.33 33.10
C PHE A 319 -7.29 6.22 33.72
N GLU A 332 7.63 -1.53 31.93
CA GLU A 332 8.94 -1.62 31.23
C GLU A 332 8.78 -1.29 29.73
N GLU A 333 9.50 -0.25 29.28
CA GLU A 333 9.41 0.22 27.89
C GLU A 333 10.41 -0.52 27.01
N GLU A 334 9.96 -0.89 25.81
CA GLU A 334 10.79 -1.64 24.87
C GLU A 334 11.06 -0.84 23.60
N GLU A 335 12.19 -1.14 22.96
CA GLU A 335 12.58 -0.46 21.73
C GLU A 335 11.53 -0.58 20.63
N ILE A 336 11.49 0.41 19.74
CA ILE A 336 10.81 0.27 18.47
C ILE A 336 11.90 -0.13 17.48
N ARG A 337 11.96 -1.43 17.17
CA ARG A 337 13.01 -1.95 16.29
C ARG A 337 12.61 -1.69 14.84
N VAL A 338 13.41 -0.90 14.13
CA VAL A 338 13.21 -0.66 12.71
C VAL A 338 14.24 -1.50 11.93
N SEP A 339 13.73 -2.41 11.10
CA SEP A 339 14.60 -3.24 10.27
CB SEP A 339 13.76 -4.25 9.48
OG SEP A 339 14.53 -4.94 8.54
C SEP A 339 15.43 -2.39 9.31
O SEP A 339 15.02 -1.30 8.95
P SEP A 339 15.35 -6.16 9.21
O1P SEP A 339 14.36 -6.93 10.20
O2P SEP A 339 16.64 -5.56 9.93
O3P SEP A 339 15.77 -7.18 8.06
N ILE A 340 16.61 -2.88 8.92
CA ILE A 340 17.40 -2.20 7.89
C ILE A 340 16.87 -2.52 6.48
N ASN A 341 15.87 -3.39 6.38
CA ASN A 341 15.24 -3.73 5.10
C ASN A 341 13.79 -3.31 5.05
N GLU A 342 13.39 -2.68 3.95
CA GLU A 342 11.98 -2.25 3.77
C GLU A 342 11.06 -3.46 3.64
N LYS A 343 10.05 -3.56 4.49
CA LYS A 343 9.10 -4.67 4.43
C LYS A 343 7.83 -4.20 3.77
N CYS A 344 7.28 -5.02 2.88
CA CYS A 344 5.93 -4.79 2.32
C CYS A 344 5.78 -3.40 1.73
N GLY A 345 6.82 -2.92 1.05
CA GLY A 345 6.87 -1.57 0.50
C GLY A 345 5.76 -1.32 -0.50
N LYS A 346 5.58 -2.25 -1.42
CA LYS A 346 4.63 -2.02 -2.50
C LYS A 346 3.18 -2.07 -2.02
N GLU A 347 2.90 -2.97 -1.09
CA GLU A 347 1.55 -3.09 -0.52
C GLU A 347 1.07 -1.77 0.13
N PHE A 348 2.02 -1.02 0.70
CA PHE A 348 1.71 0.20 1.46
C PHE A 348 2.22 1.47 0.78
N SER A 349 2.44 1.38 -0.53
CA SER A 349 2.86 2.52 -1.34
C SER A 349 2.04 3.78 -1.07
N GLU A 350 0.72 3.60 -0.97
CA GLU A 350 -0.21 4.72 -0.84
C GLU A 350 -0.19 5.37 0.54
N PHE A 351 0.31 4.65 1.55
CA PHE A 351 0.31 5.17 2.94
C PHE A 351 1.21 6.39 3.07
N VAL B 16 14.73 17.33 -4.59
CA VAL B 16 15.05 16.77 -5.92
C VAL B 16 15.93 15.50 -5.75
N LYS B 17 17.16 15.55 -6.29
CA LYS B 17 18.12 14.45 -6.24
C LYS B 17 19.00 14.45 -4.96
N GLU B 18 18.37 14.83 -3.85
CA GLU B 18 18.87 14.50 -2.53
C GLU B 18 18.46 13.06 -2.24
N PHE B 19 17.46 12.57 -3.00
CA PHE B 19 17.08 11.16 -2.95
C PHE B 19 18.29 10.26 -3.26
N LEU B 20 19.01 10.60 -4.34
CA LEU B 20 20.14 9.79 -4.79
C LEU B 20 21.30 9.77 -3.80
N ALA B 21 21.59 10.91 -3.18
CA ALA B 21 22.64 11.01 -2.16
C ALA B 21 22.31 10.15 -0.94
N LYS B 22 21.07 10.26 -0.46
CA LYS B 22 20.56 9.42 0.61
C LYS B 22 20.59 7.94 0.20
N ALA B 23 20.18 7.66 -1.05
CA ALA B 23 20.18 6.31 -1.59
C ALA B 23 21.59 5.71 -1.63
N LYS B 24 22.58 6.52 -1.99
CA LYS B 24 23.98 6.06 -2.02
C LYS B 24 24.50 5.79 -0.61
N GLU B 25 24.22 6.68 0.34
CA GLU B 25 24.54 6.45 1.74
C GLU B 25 24.02 5.08 2.23
N ASP B 26 22.71 4.83 2.10
CA ASP B 26 22.14 3.52 2.49
C ASP B 26 22.84 2.36 1.78
N PHE B 27 23.02 2.50 0.46
CA PHE B 27 23.68 1.48 -0.35
C PHE B 27 25.10 1.12 0.12
N LEU B 28 25.95 2.14 0.28
CA LEU B 28 27.36 1.92 0.58
C LEU B 28 27.55 1.26 1.94
N LYS B 29 26.71 1.60 2.90
CA LYS B 29 26.75 1.00 4.23
C LYS B 29 26.52 -0.51 4.13
N LYS B 30 25.46 -0.89 3.39
CA LYS B 30 25.13 -2.29 3.17
C LYS B 30 26.15 -2.99 2.28
N TRP B 31 26.57 -2.30 1.21
CA TRP B 31 27.62 -2.79 0.32
C TRP B 31 28.93 -3.13 1.04
N GLU B 32 29.38 -2.28 1.97
CA GLU B 32 30.66 -2.50 2.65
C GLU B 32 30.58 -3.53 3.76
N ASN B 33 29.38 -3.72 4.29
CA ASN B 33 29.15 -4.67 5.36
C ASN B 33 27.90 -5.51 5.03
N PRO B 34 28.03 -6.46 4.07
CA PRO B 34 26.87 -7.23 3.65
C PRO B 34 26.30 -8.10 4.74
N ALA B 35 24.99 -8.23 4.74
CA ALA B 35 24.32 -9.08 5.69
C ALA B 35 24.48 -10.51 5.23
N GLN B 36 24.70 -11.42 6.19
CA GLN B 36 24.87 -12.84 5.92
C GLN B 36 24.00 -13.60 6.91
N ASN B 37 23.45 -14.72 6.43
CA ASN B 37 22.82 -15.71 7.32
C ASN B 37 21.67 -15.09 8.13
N THR B 38 20.71 -14.48 7.44
CA THR B 38 19.68 -13.67 8.14
C THR B 38 18.35 -14.38 8.34
N ALA B 39 18.32 -15.65 7.95
CA ALA B 39 17.20 -16.55 8.18
C ALA B 39 17.78 -17.96 8.10
N HIS B 40 16.91 -18.96 8.19
CA HIS B 40 17.28 -20.36 8.09
C HIS B 40 16.15 -21.09 7.37
N LEU B 41 16.50 -22.15 6.67
CA LEU B 41 15.56 -22.89 5.86
C LEU B 41 14.33 -23.33 6.65
N ASP B 42 14.57 -23.83 7.87
CA ASP B 42 13.51 -24.34 8.73
C ASP B 42 12.45 -23.29 9.10
N GLN B 43 12.75 -22.00 8.92
CA GLN B 43 11.78 -20.93 9.20
C GLN B 43 10.71 -20.77 8.13
N PHE B 44 10.84 -21.53 7.06
CA PHE B 44 10.01 -21.36 5.89
C PHE B 44 9.24 -22.62 5.57
N GLU B 45 7.96 -22.46 5.35
CA GLU B 45 7.13 -23.55 4.87
C GLU B 45 7.19 -23.55 3.35
N ARG B 46 7.50 -24.70 2.78
CA ARG B 46 7.56 -24.86 1.32
C ARG B 46 6.19 -25.09 0.73
N ILE B 47 5.80 -24.26 -0.24
CA ILE B 47 4.47 -24.36 -0.84
C ILE B 47 4.50 -25.10 -2.18
N LYS B 48 5.28 -24.57 -3.13
CA LYS B 48 5.43 -25.17 -4.44
C LYS B 48 6.57 -24.55 -5.21
N THR B 49 6.93 -25.19 -6.32
CA THR B 49 7.97 -24.73 -7.21
C THR B 49 7.41 -23.74 -8.24
N LEU B 50 8.12 -22.63 -8.40
CA LEU B 50 7.75 -21.59 -9.37
C LEU B 50 8.51 -21.74 -10.69
N GLY B 51 9.73 -22.27 -10.61
CA GLY B 51 10.54 -22.52 -11.80
C GLY B 51 11.82 -23.22 -11.43
N THR B 52 12.45 -23.85 -12.41
CA THR B 52 13.72 -24.54 -12.22
C THR B 52 14.66 -24.10 -13.32
N GLY B 53 15.95 -24.13 -13.04
CA GLY B 53 16.98 -23.81 -14.04
C GLY B 53 18.08 -24.85 -13.99
N SER B 54 19.23 -24.50 -14.59
CA SER B 54 20.37 -25.40 -14.65
C SER B 54 21.15 -25.52 -13.34
N PHE B 55 21.09 -24.51 -12.47
CA PHE B 55 21.82 -24.60 -11.21
C PHE B 55 21.02 -24.22 -9.97
N GLY B 56 19.71 -24.06 -10.15
CA GLY B 56 18.86 -23.72 -9.02
C GLY B 56 17.39 -23.83 -9.35
N ARG B 57 16.57 -23.48 -8.37
CA ARG B 57 15.13 -23.38 -8.56
C ARG B 57 14.60 -22.25 -7.72
N VAL B 58 13.37 -21.83 -8.03
CA VAL B 58 12.67 -20.84 -7.25
C VAL B 58 11.39 -21.45 -6.70
N MET B 59 11.19 -21.31 -5.39
CA MET B 59 10.03 -21.85 -4.71
C MET B 59 9.18 -20.79 -4.02
N LEU B 60 7.88 -20.97 -4.07
CA LEU B 60 6.97 -20.19 -3.25
C LEU B 60 7.02 -20.73 -1.83
N VAL B 61 7.35 -19.87 -0.87
CA VAL B 61 7.45 -20.25 0.54
C VAL B 61 6.69 -19.27 1.44
N LYS B 62 6.42 -19.69 2.67
CA LYS B 62 5.80 -18.81 3.66
C LYS B 62 6.64 -18.81 4.92
N HIS B 63 6.98 -17.61 5.38
CA HIS B 63 7.72 -17.48 6.61
C HIS B 63 6.77 -17.80 7.77
N MET B 64 7.07 -18.86 8.53
CA MET B 64 6.10 -19.39 9.48
C MET B 64 5.76 -18.41 10.61
N GLU B 65 6.71 -17.58 11.00
CA GLU B 65 6.49 -16.59 12.05
C GLU B 65 5.65 -15.42 11.54
N THR B 66 6.07 -14.78 10.45
CA THR B 66 5.41 -13.57 9.95
C THR B 66 4.23 -13.84 9.01
N GLY B 67 4.06 -15.09 8.59
CA GLY B 67 3.02 -15.46 7.63
C GLY B 67 3.20 -14.88 6.23
N ASN B 68 4.25 -14.08 6.03
CA ASN B 68 4.44 -13.42 4.73
C ASN B 68 4.98 -14.43 3.70
N HIS B 69 4.56 -14.30 2.45
CA HIS B 69 4.95 -15.20 1.39
C HIS B 69 6.16 -14.62 0.65
N TYR B 70 6.95 -15.51 0.05
CA TYR B 70 8.21 -15.14 -0.62
C TYR B 70 8.53 -16.07 -1.76
N ALA B 71 9.30 -15.57 -2.72
CA ALA B 71 9.90 -16.42 -3.74
C ALA B 71 11.31 -16.75 -3.27
N MET B 72 11.58 -18.03 -2.99
CA MET B 72 12.89 -18.43 -2.51
C MET B 72 13.72 -19.08 -3.62
N LYS B 73 14.83 -18.44 -3.98
CA LYS B 73 15.73 -18.98 -5.00
C LYS B 73 16.78 -19.83 -4.30
N ILE B 74 16.84 -21.10 -4.66
CA ILE B 74 17.75 -22.06 -4.05
C ILE B 74 18.78 -22.44 -5.09
N LEU B 75 20.04 -22.11 -4.83
CA LEU B 75 21.12 -22.42 -5.76
C LEU B 75 21.99 -23.55 -5.20
N ASP B 76 22.17 -24.58 -6.02
CA ASP B 76 23.04 -25.69 -5.67
C ASP B 76 24.48 -25.26 -5.80
N LYS B 77 25.23 -25.24 -4.69
CA LYS B 77 26.59 -24.70 -4.69
C LYS B 77 27.54 -25.38 -5.68
N GLN B 78 27.48 -26.71 -5.70
CA GLN B 78 28.32 -27.50 -6.58
C GLN B 78 28.00 -27.26 -8.07
N LYS B 79 26.71 -27.15 -8.39
CA LYS B 79 26.27 -26.82 -9.74
C LYS B 79 26.70 -25.40 -10.14
N VAL B 80 26.63 -24.45 -9.22
CA VAL B 80 27.15 -23.08 -9.47
C VAL B 80 28.65 -23.10 -9.82
N VAL B 81 29.44 -23.84 -9.04
CA VAL B 81 30.88 -23.92 -9.25
C VAL B 81 31.20 -24.55 -10.60
N LYS B 82 30.51 -25.65 -10.91
CA LYS B 82 30.73 -26.42 -12.13
C LYS B 82 30.41 -25.60 -13.37
N LEU B 83 29.38 -24.76 -13.29
CA LEU B 83 28.98 -23.95 -14.43
C LEU B 83 29.66 -22.57 -14.42
N LYS B 84 30.65 -22.40 -13.55
CA LYS B 84 31.46 -21.17 -13.46
C LYS B 84 30.65 -19.92 -13.10
N GLN B 85 29.69 -20.08 -12.17
CA GLN B 85 28.76 -19.02 -11.82
C GLN B 85 29.00 -18.37 -10.46
N ILE B 86 30.19 -18.58 -9.91
CA ILE B 86 30.45 -18.20 -8.54
C ILE B 86 30.32 -16.68 -8.38
N GLU B 87 31.06 -15.96 -9.22
CA GLU B 87 31.12 -14.50 -9.21
C GLU B 87 29.75 -13.92 -9.47
N HIS B 88 29.01 -14.46 -10.45
CA HIS B 88 27.66 -13.97 -10.71
C HIS B 88 26.75 -14.11 -9.49
N THR B 89 26.79 -15.30 -8.88
CA THR B 89 26.01 -15.54 -7.68
C THR B 89 26.40 -14.63 -6.51
N LEU B 90 27.70 -14.45 -6.27
CA LEU B 90 28.16 -13.54 -5.19
C LEU B 90 27.78 -12.08 -5.46
N ASN B 91 27.96 -11.63 -6.70
CA ASN B 91 27.55 -10.29 -7.13
C ASN B 91 26.07 -10.05 -6.89
N GLU B 92 25.25 -11.00 -7.34
CA GLU B 92 23.81 -10.87 -7.25
C GLU B 92 23.36 -10.69 -5.82
N LYS B 93 23.92 -11.51 -4.92
CA LYS B 93 23.53 -11.47 -3.55
C LYS B 93 24.00 -10.19 -2.88
N ARG B 94 25.23 -9.78 -3.17
CA ARG B 94 25.81 -8.62 -2.50
C ARG B 94 25.07 -7.37 -2.94
N ILE B 95 24.80 -7.28 -4.23
CA ILE B 95 24.02 -6.15 -4.76
C ILE B 95 22.60 -6.11 -4.19
N LEU B 96 21.92 -7.24 -4.20
CA LEU B 96 20.52 -7.25 -3.79
C LEU B 96 20.32 -6.99 -2.31
N GLN B 97 21.25 -7.41 -1.45
CA GLN B 97 21.09 -7.13 -0.03
C GLN B 97 21.37 -5.65 0.29
N ALA B 98 21.83 -4.93 -0.73
CA ALA B 98 22.24 -3.53 -0.60
C ALA B 98 21.34 -2.52 -1.33
N VAL B 99 20.47 -2.98 -2.22
CA VAL B 99 19.64 -2.03 -2.99
C VAL B 99 18.18 -2.02 -2.57
N ASN B 100 17.48 -0.93 -2.89
CA ASN B 100 16.04 -0.83 -2.70
C ASN B 100 15.49 0.16 -3.69
N PHE B 101 14.49 -0.26 -4.46
CA PHE B 101 13.83 0.62 -5.43
C PHE B 101 12.47 0.05 -5.75
N PRO B 102 11.50 0.92 -6.09
CA PRO B 102 10.14 0.46 -6.29
C PRO B 102 9.93 -0.50 -7.46
N PHE B 103 10.88 -0.57 -8.39
CA PHE B 103 10.70 -1.43 -9.56
C PHE B 103 11.73 -2.55 -9.60
N LEU B 104 12.31 -2.86 -8.44
CA LEU B 104 13.24 -3.96 -8.24
C LEU B 104 12.68 -4.94 -7.21
N VAL B 105 12.79 -6.24 -7.47
CA VAL B 105 12.38 -7.20 -6.46
C VAL B 105 13.36 -7.13 -5.28
N LYS B 106 12.86 -6.95 -4.07
CA LYS B 106 13.78 -6.82 -2.94
C LYS B 106 14.11 -8.18 -2.32
N LEU B 107 15.41 -8.44 -2.17
CA LEU B 107 15.92 -9.52 -1.31
C LEU B 107 15.59 -9.25 0.16
N GLU B 108 14.80 -10.14 0.74
CA GLU B 108 14.41 -10.01 2.16
C GLU B 108 15.32 -10.78 3.11
N PHE B 109 15.81 -11.94 2.66
CA PHE B 109 16.72 -12.77 3.46
C PHE B 109 17.72 -13.48 2.56
N SER B 110 18.85 -13.87 3.14
CA SER B 110 19.75 -14.82 2.47
C SER B 110 20.43 -15.65 3.51
N PHE B 111 20.83 -16.86 3.13
CA PHE B 111 21.56 -17.78 3.99
C PHE B 111 22.03 -18.94 3.14
N LYS B 112 22.88 -19.77 3.72
CA LYS B 112 23.43 -20.93 3.03
C LYS B 112 23.52 -22.09 4.01
N ASP B 113 23.46 -23.30 3.48
CA ASP B 113 23.68 -24.47 4.34
C ASP B 113 24.76 -25.34 3.69
N ASN B 114 24.83 -26.62 4.04
CA ASN B 114 25.90 -27.46 3.46
C ASN B 114 25.87 -27.52 1.93
N SER B 115 24.67 -27.49 1.36
CA SER B 115 24.51 -27.77 -0.05
C SER B 115 24.16 -26.56 -0.90
N ASN B 116 23.39 -25.61 -0.35
CA ASN B 116 22.71 -24.59 -1.15
C ASN B 116 22.92 -23.16 -0.68
N LEU B 117 22.68 -22.23 -1.61
CA LEU B 117 22.60 -20.83 -1.31
C LEU B 117 21.13 -20.50 -1.41
N TYR B 118 20.64 -19.62 -0.53
CA TYR B 118 19.23 -19.24 -0.58
C TYR B 118 19.11 -17.72 -0.64
N MET B 119 18.35 -17.25 -1.63
CA MET B 119 17.97 -15.84 -1.72
C MET B 119 16.44 -15.76 -1.65
N VAL B 120 15.95 -15.13 -0.59
CA VAL B 120 14.53 -15.06 -0.34
C VAL B 120 14.05 -13.67 -0.77
N MET B 121 13.22 -13.65 -1.80
CA MET B 121 12.73 -12.41 -2.43
C MET B 121 11.24 -12.27 -2.18
N GLU B 122 10.75 -11.03 -2.17
CA GLU B 122 9.31 -10.80 -2.17
C GLU B 122 8.70 -11.50 -3.37
N TYR B 123 7.54 -12.12 -3.15
CA TYR B 123 6.84 -12.89 -4.16
C TYR B 123 6.00 -11.99 -5.08
N VAL B 124 6.22 -12.07 -6.38
CA VAL B 124 5.51 -11.25 -7.34
C VAL B 124 4.65 -12.12 -8.25
N PRO B 125 3.36 -12.26 -7.92
CA PRO B 125 2.50 -13.03 -8.80
C PRO B 125 2.07 -12.14 -9.95
N GLY B 126 1.59 -12.73 -11.02
CA GLY B 126 1.21 -11.92 -12.19
C GLY B 126 1.91 -12.30 -13.48
N GLY B 127 3.10 -12.89 -13.38
CA GLY B 127 3.83 -13.39 -14.54
C GLY B 127 4.81 -12.39 -15.13
N GLU B 128 5.67 -12.87 -16.02
CA GLU B 128 6.71 -12.03 -16.59
C GLU B 128 6.16 -11.35 -17.85
N MET B 129 6.73 -10.19 -18.19
CA MET B 129 6.26 -9.41 -19.33
C MET B 129 6.34 -10.15 -20.67
N PHE B 130 7.35 -10.99 -20.81
CA PHE B 130 7.54 -11.81 -22.01
C PHE B 130 6.27 -12.60 -22.35
N SER B 131 5.75 -13.36 -21.41
CA SER B 131 4.52 -14.14 -21.64
C SER B 131 3.30 -13.28 -21.96
N HIS B 132 3.18 -12.13 -21.30
CA HIS B 132 2.06 -11.21 -21.58
C HIS B 132 2.17 -10.56 -22.95
N LEU B 133 3.40 -10.23 -23.35
CA LEU B 133 3.66 -9.63 -24.65
C LEU B 133 3.34 -10.60 -25.77
N ARG B 134 3.77 -11.85 -25.63
CA ARG B 134 3.53 -12.88 -26.65
C ARG B 134 2.03 -13.15 -26.86
N ARG B 135 1.29 -13.26 -25.75
CA ARG B 135 -0.16 -13.47 -25.77
C ARG B 135 -0.92 -12.34 -26.50
N ILE B 136 -0.70 -11.10 -26.08
CA ILE B 136 -1.35 -9.92 -26.71
C ILE B 136 -0.83 -9.66 -28.13
N GLY B 137 0.48 -9.76 -28.31
CA GLY B 137 1.10 -9.45 -29.61
C GLY B 137 2.10 -8.33 -29.45
N ARG B 138 1.61 -7.11 -29.21
CA ARG B 138 2.45 -5.93 -28.93
C ARG B 138 1.72 -4.99 -27.99
N PHE B 139 2.44 -4.09 -27.33
CA PHE B 139 1.80 -3.09 -26.48
C PHE B 139 1.65 -1.77 -27.24
N SER B 140 0.62 -1.00 -26.92
CA SER B 140 0.46 0.33 -27.48
C SER B 140 1.58 1.21 -26.94
N GLU B 141 1.83 2.34 -27.61
CA GLU B 141 2.88 3.23 -27.14
C GLU B 141 2.64 3.70 -25.71
N PRO B 142 1.40 4.11 -25.36
CA PRO B 142 1.22 4.54 -23.96
C PRO B 142 1.57 3.44 -22.96
N HIS B 143 1.21 2.20 -23.29
CA HIS B 143 1.48 1.02 -22.46
C HIS B 143 2.99 0.77 -22.34
N ALA B 144 3.67 0.69 -23.49
CA ALA B 144 5.12 0.57 -23.53
C ALA B 144 5.82 1.67 -22.73
N ARG B 145 5.35 2.91 -22.88
CA ARG B 145 5.93 4.06 -22.19
C ARG B 145 5.81 3.96 -20.66
N PHE B 146 4.67 3.48 -20.19
CA PHE B 146 4.46 3.29 -18.75
C PHE B 146 5.56 2.38 -18.21
N TYR B 147 5.78 1.24 -18.86
CA TYR B 147 6.86 0.32 -18.45
C TYR B 147 8.25 0.94 -18.65
N ALA B 148 8.48 1.55 -19.81
CA ALA B 148 9.80 2.12 -20.12
C ALA B 148 10.25 3.11 -19.06
N ALA B 149 9.29 3.89 -18.56
CA ALA B 149 9.56 4.92 -17.56
C ALA B 149 10.10 4.31 -16.29
N GLN B 150 9.54 3.18 -15.88
CA GLN B 150 10.04 2.45 -14.69
C GLN B 150 11.49 1.99 -14.87
N ILE B 151 11.79 1.45 -16.04
CA ILE B 151 13.15 1.05 -16.35
C ILE B 151 14.10 2.24 -16.32
N VAL B 152 13.70 3.38 -16.90
CA VAL B 152 14.57 4.57 -16.92
C VAL B 152 14.95 4.98 -15.49
N LEU B 153 13.97 5.07 -14.62
CA LEU B 153 14.21 5.43 -13.21
C LEU B 153 15.03 4.38 -12.48
N THR B 154 14.73 3.12 -12.74
CA THR B 154 15.51 2.03 -12.17
C THR B 154 16.98 2.13 -12.57
N PHE B 155 17.24 2.40 -13.86
CA PHE B 155 18.62 2.51 -14.34
C PHE B 155 19.28 3.76 -13.79
N GLU B 156 18.51 4.85 -13.67
CA GLU B 156 19.03 6.07 -13.07
C GLU B 156 19.53 5.78 -11.67
N TYR B 157 18.73 5.05 -10.90
CA TYR B 157 19.08 4.61 -9.54
C TYR B 157 20.31 3.71 -9.53
N LEU B 158 20.24 2.60 -10.25
CA LEU B 158 21.37 1.65 -10.31
C LEU B 158 22.68 2.30 -10.77
N HIS B 159 22.63 3.10 -11.84
CA HIS B 159 23.84 3.73 -12.35
C HIS B 159 24.45 4.75 -11.39
N SER B 160 23.60 5.41 -10.59
CA SER B 160 24.10 6.34 -9.57
C SER B 160 24.95 5.61 -8.53
N LEU B 161 24.70 4.32 -8.36
CA LEU B 161 25.47 3.48 -7.44
C LEU B 161 26.62 2.72 -8.13
N ASP B 162 26.90 3.09 -9.39
CA ASP B 162 27.92 2.43 -10.23
C ASP B 162 27.55 0.98 -10.55
N LEU B 163 26.27 0.66 -10.45
CA LEU B 163 25.79 -0.70 -10.75
C LEU B 163 25.28 -0.77 -12.18
N ILE B 164 25.71 -1.80 -12.91
CA ILE B 164 25.16 -2.07 -14.24
C ILE B 164 24.31 -3.33 -14.15
N TYR B 165 23.15 -3.33 -14.81
CA TYR B 165 22.21 -4.44 -14.65
C TYR B 165 22.51 -5.59 -15.63
N ARG B 166 22.68 -5.22 -16.89
CA ARG B 166 23.22 -6.09 -17.94
C ARG B 166 22.32 -7.24 -18.41
N ASP B 167 21.09 -7.34 -17.91
CA ASP B 167 20.23 -8.45 -18.36
C ASP B 167 18.77 -8.03 -18.60
N LEU B 168 18.59 -6.80 -19.07
CA LEU B 168 17.27 -6.30 -19.45
C LEU B 168 16.71 -7.13 -20.59
N LYS B 169 15.46 -7.58 -20.40
CA LYS B 169 14.70 -8.33 -21.38
C LYS B 169 13.35 -8.55 -20.75
N PRO B 170 12.28 -8.72 -21.55
CA PRO B 170 10.95 -8.90 -20.96
C PRO B 170 10.82 -10.08 -19.98
N GLU B 171 11.65 -11.11 -20.14
CA GLU B 171 11.62 -12.27 -19.24
C GLU B 171 11.92 -11.90 -17.80
N ASN B 172 12.69 -10.85 -17.61
CA ASN B 172 13.14 -10.47 -16.27
C ASN B 172 12.29 -9.38 -15.61
N LEU B 173 11.20 -9.00 -16.26
CA LEU B 173 10.32 -7.95 -15.76
C LEU B 173 9.01 -8.58 -15.31
N LEU B 174 8.82 -8.67 -14.00
CA LEU B 174 7.58 -9.23 -13.48
C LEU B 174 6.55 -8.13 -13.36
N ILE B 175 5.30 -8.47 -13.66
CA ILE B 175 4.23 -7.51 -13.53
C ILE B 175 3.50 -7.85 -12.23
N ASP B 176 3.47 -6.87 -11.32
CA ASP B 176 2.92 -7.08 -10.00
C ASP B 176 1.41 -6.87 -9.96
N GLN B 177 0.84 -7.01 -8.77
CA GLN B 177 -0.60 -6.90 -8.62
C GLN B 177 -1.14 -5.50 -8.89
N GLN B 178 -0.27 -4.49 -8.87
CA GLN B 178 -0.66 -3.12 -9.25
C GLN B 178 -0.38 -2.84 -10.74
N GLY B 179 0.06 -3.86 -11.48
CA GLY B 179 0.36 -3.70 -12.90
C GLY B 179 1.70 -3.00 -13.16
N TYR B 180 2.49 -2.81 -12.11
CA TYR B 180 3.83 -2.21 -12.23
C TYR B 180 4.88 -3.29 -12.44
N ILE B 181 6.06 -2.86 -12.88
CA ILE B 181 7.21 -3.75 -13.10
C ILE B 181 8.03 -3.95 -11.85
N GLN B 182 8.47 -5.19 -11.64
CA GLN B 182 9.58 -5.46 -10.72
C GLN B 182 10.65 -6.30 -11.45
N VAL B 183 11.84 -5.71 -11.57
CA VAL B 183 12.98 -6.33 -12.22
C VAL B 183 13.56 -7.43 -11.34
N THR B 184 13.68 -8.63 -11.90
CA THR B 184 14.23 -9.79 -11.19
C THR B 184 15.50 -10.29 -11.87
N ASP B 185 16.24 -11.13 -11.15
CA ASP B 185 17.48 -11.76 -11.64
C ASP B 185 18.63 -10.79 -11.90
N PHE B 186 19.43 -10.61 -10.87
CA PHE B 186 20.58 -9.75 -10.89
C PHE B 186 21.87 -10.55 -11.08
N GLY B 187 21.71 -11.75 -11.64
CA GLY B 187 22.84 -12.66 -11.90
C GLY B 187 23.99 -12.01 -12.65
N PHE B 188 23.65 -11.15 -13.60
CA PHE B 188 24.67 -10.48 -14.42
C PHE B 188 25.01 -9.07 -13.95
N ALA B 189 24.31 -8.57 -12.93
CA ALA B 189 24.57 -7.21 -12.47
C ALA B 189 25.94 -7.12 -11.80
N LYS B 190 26.57 -5.96 -11.87
CA LYS B 190 27.92 -5.80 -11.33
C LYS B 190 28.18 -4.35 -10.94
N ARG B 191 28.95 -4.13 -9.89
CA ARG B 191 29.45 -2.81 -9.57
C ARG B 191 30.70 -2.53 -10.40
N VAL B 192 30.57 -1.56 -11.29
CA VAL B 192 31.62 -1.27 -12.25
C VAL B 192 31.84 0.25 -12.25
N LYS B 193 32.97 0.69 -11.72
CA LYS B 193 33.28 2.12 -11.68
C LYS B 193 33.91 2.59 -12.99
N GLY B 194 34.66 1.70 -13.63
CA GLY B 194 35.26 2.00 -14.93
C GLY B 194 34.60 1.19 -16.03
N ARG B 195 35.23 0.08 -16.41
CA ARG B 195 34.72 -0.82 -17.43
C ARG B 195 34.79 -2.28 -16.96
N THR B 196 33.99 -3.12 -17.61
CA THR B 196 34.01 -4.56 -17.42
C THR B 196 34.07 -5.26 -18.79
N TRP B 197 34.22 -6.58 -18.80
CA TRP B 197 34.71 -7.25 -20.00
C TRP B 197 33.99 -8.54 -20.37
N TPO B 198 33.08 -9.00 -19.52
CA TPO B 198 32.45 -10.30 -19.74
CB TPO B 198 31.73 -10.85 -18.52
CG2 TPO B 198 31.36 -12.32 -18.76
OG1 TPO B 198 32.56 -10.75 -17.34
P TPO B 198 32.23 -9.70 -16.16
O1P TPO B 198 31.05 -10.30 -15.45
O2P TPO B 198 32.03 -8.41 -16.90
O3P TPO B 198 33.43 -9.64 -15.24
C TPO B 198 31.52 -10.26 -20.92
O TPO B 198 30.74 -9.33 -21.07
N LEU B 199 31.61 -11.30 -21.76
CA LEU B 199 30.68 -11.47 -22.86
C LEU B 199 29.65 -12.52 -22.46
N CYS B 200 28.56 -12.05 -21.85
CA CYS B 200 27.58 -12.96 -21.27
C CYS B 200 26.17 -12.41 -21.42
N GLY B 201 25.24 -13.26 -21.85
CA GLY B 201 23.83 -12.88 -21.90
C GLY B 201 23.06 -13.16 -23.18
N THR B 202 21.90 -12.52 -23.30
CA THR B 202 20.98 -12.72 -24.42
C THR B 202 21.39 -11.86 -25.59
N PRO B 203 21.76 -12.52 -26.71
CA PRO B 203 22.28 -11.84 -27.90
C PRO B 203 21.44 -10.63 -28.34
N GLU B 204 20.12 -10.78 -28.32
CA GLU B 204 19.21 -9.74 -28.82
C GLU B 204 19.32 -8.41 -28.10
N TYR B 205 19.80 -8.43 -26.86
CA TYR B 205 19.83 -7.23 -26.01
C TYR B 205 21.24 -6.69 -25.77
N LEU B 206 22.23 -7.40 -26.31
CA LEU B 206 23.63 -7.04 -26.14
C LEU B 206 24.00 -5.84 -27.01
N ALA B 207 24.63 -4.85 -26.39
CA ALA B 207 25.15 -3.68 -27.10
C ALA B 207 26.36 -4.10 -27.95
N PRO B 208 26.65 -3.36 -29.03
CA PRO B 208 27.74 -3.71 -29.94
C PRO B 208 29.09 -3.80 -29.23
N GLU B 209 29.36 -2.87 -28.30
CA GLU B 209 30.66 -2.83 -27.62
C GLU B 209 30.91 -4.10 -26.81
N ILE B 210 29.83 -4.72 -26.31
CA ILE B 210 29.96 -6.02 -25.65
C ILE B 210 30.37 -7.08 -26.68
N ILE B 211 29.67 -7.12 -27.82
CA ILE B 211 29.90 -8.13 -28.85
C ILE B 211 31.29 -7.99 -29.45
N LEU B 212 31.78 -6.76 -29.54
CA LEU B 212 33.10 -6.49 -30.09
C LEU B 212 34.23 -6.56 -29.06
N SER B 213 33.90 -7.00 -27.83
CA SER B 213 34.88 -7.17 -26.76
C SER B 213 35.71 -5.91 -26.51
N LYS B 214 35.04 -4.77 -26.41
CA LYS B 214 35.73 -3.46 -26.36
C LYS B 214 35.91 -2.95 -24.93
N GLY B 215 35.29 -3.64 -23.97
CA GLY B 215 35.23 -3.13 -22.61
C GLY B 215 34.11 -2.12 -22.57
N TYR B 216 33.32 -2.18 -21.51
CA TYR B 216 32.05 -1.48 -21.54
C TYR B 216 31.57 -1.12 -20.16
N ASN B 217 30.64 -0.18 -20.12
CA ASN B 217 30.08 0.28 -18.86
C ASN B 217 28.55 0.38 -18.96
N LYS B 218 27.97 1.30 -18.19
CA LYS B 218 26.51 1.37 -18.01
C LYS B 218 25.74 1.80 -19.26
N ALA B 219 26.45 2.27 -20.27
CA ALA B 219 25.81 2.69 -21.51
C ALA B 219 25.14 1.49 -22.23
N VAL B 220 25.59 0.29 -21.89
CA VAL B 220 24.97 -0.92 -22.43
C VAL B 220 23.54 -1.12 -21.95
N ASP B 221 23.22 -0.61 -20.76
CA ASP B 221 21.86 -0.70 -20.20
C ASP B 221 20.91 0.18 -21.01
N TRP B 222 21.42 1.34 -21.45
CA TRP B 222 20.61 2.25 -22.22
C TRP B 222 20.35 1.70 -23.62
N TRP B 223 21.37 1.07 -24.20
CA TRP B 223 21.16 0.37 -25.48
C TRP B 223 20.09 -0.70 -25.30
N ALA B 224 20.20 -1.46 -24.20
CA ALA B 224 19.22 -2.51 -23.90
C ALA B 224 17.81 -1.93 -23.72
N LEU B 225 17.73 -0.74 -23.14
CA LEU B 225 16.44 -0.05 -23.06
C LEU B 225 15.81 0.19 -24.44
N GLY B 226 16.62 0.64 -25.40
CA GLY B 226 16.16 0.82 -26.77
C GLY B 226 15.59 -0.47 -27.32
N VAL B 227 16.31 -1.58 -27.12
CA VAL B 227 15.84 -2.90 -27.57
C VAL B 227 14.49 -3.25 -26.93
N LEU B 228 14.39 -3.08 -25.60
CA LEU B 228 13.16 -3.40 -24.87
C LEU B 228 11.94 -2.61 -25.37
N ILE B 229 12.10 -1.29 -25.52
CA ILE B 229 11.03 -0.41 -25.98
C ILE B 229 10.61 -0.81 -27.40
N TYR B 230 11.57 -1.08 -28.27
CA TYR B 230 11.24 -1.57 -29.61
C TYR B 230 10.43 -2.86 -29.52
N GLU B 231 10.87 -3.80 -28.70
CA GLU B 231 10.22 -5.11 -28.65
C GLU B 231 8.81 -4.99 -28.07
N MET B 232 8.65 -4.18 -27.03
CA MET B 232 7.34 -3.90 -26.43
C MET B 232 6.36 -3.33 -27.45
N ALA B 233 6.83 -2.39 -28.24
CA ALA B 233 5.97 -1.67 -29.17
C ALA B 233 5.76 -2.42 -30.48
N ALA B 234 6.73 -3.24 -30.86
CA ALA B 234 6.60 -4.01 -32.11
C ALA B 234 6.06 -5.42 -31.92
N GLY B 235 6.39 -6.05 -30.78
CA GLY B 235 6.07 -7.47 -30.57
C GLY B 235 7.24 -8.40 -30.84
N TYR B 236 8.35 -7.82 -31.31
CA TYR B 236 9.58 -8.55 -31.65
C TYR B 236 10.76 -7.58 -31.54
N PRO B 237 11.99 -8.07 -31.27
CA PRO B 237 13.12 -7.16 -31.06
C PRO B 237 13.67 -6.60 -32.37
N PRO B 238 14.46 -5.51 -32.31
CA PRO B 238 14.92 -4.89 -33.53
C PRO B 238 16.01 -5.68 -34.28
N PHE B 239 16.80 -6.47 -33.54
CA PHE B 239 17.86 -7.29 -34.13
C PHE B 239 17.61 -8.75 -33.85
N PHE B 240 17.20 -9.46 -34.89
CA PHE B 240 16.79 -10.85 -34.74
C PHE B 240 17.14 -11.64 -36.00
N ALA B 241 17.35 -12.94 -35.84
CA ALA B 241 17.73 -13.80 -36.97
C ALA B 241 17.56 -15.26 -36.62
N ASP B 242 17.65 -16.11 -37.64
CA ASP B 242 17.60 -17.54 -37.44
C ASP B 242 18.95 -18.08 -36.99
N GLN B 243 20.03 -17.38 -37.38
CA GLN B 243 21.39 -17.78 -37.04
C GLN B 243 21.96 -16.80 -36.02
N PRO B 244 22.50 -17.32 -34.91
CA PRO B 244 23.07 -16.47 -33.87
C PRO B 244 24.02 -15.38 -34.38
N ILE B 245 24.91 -15.71 -35.32
CA ILE B 245 25.88 -14.74 -35.83
C ILE B 245 25.24 -13.54 -36.55
N GLN B 246 24.12 -13.79 -37.22
CA GLN B 246 23.40 -12.75 -37.95
C GLN B 246 22.80 -11.71 -37.00
N ILE B 247 22.44 -12.15 -35.79
CA ILE B 247 21.96 -11.23 -34.76
C ILE B 247 23.08 -10.26 -34.40
N TYR B 248 24.28 -10.80 -34.16
CA TYR B 248 25.43 -9.95 -33.84
C TYR B 248 25.80 -8.99 -34.95
N GLU B 249 25.85 -9.48 -36.19
CA GLU B 249 26.10 -8.62 -37.36
C GLU B 249 25.10 -7.46 -37.47
N LYS B 250 23.83 -7.76 -37.23
CA LYS B 250 22.81 -6.72 -37.29
C LYS B 250 23.00 -5.68 -36.17
N ILE B 251 23.26 -6.14 -34.96
CA ILE B 251 23.51 -5.24 -33.84
C ILE B 251 24.70 -4.32 -34.13
N VAL B 252 25.83 -4.92 -34.49
CA VAL B 252 27.05 -4.17 -34.78
C VAL B 252 26.85 -3.15 -35.90
N SER B 253 26.13 -3.55 -36.94
CA SER B 253 25.74 -2.64 -38.02
C SER B 253 24.85 -1.51 -37.48
N GLY B 254 23.99 -1.85 -36.52
CA GLY B 254 23.02 -0.93 -35.92
C GLY B 254 21.91 -0.44 -36.83
N LYS B 255 21.89 -0.91 -38.08
CA LYS B 255 20.85 -0.49 -38.99
C LYS B 255 19.52 -1.11 -38.55
N VAL B 256 18.55 -0.25 -38.29
CA VAL B 256 17.27 -0.71 -37.75
C VAL B 256 16.12 -0.22 -38.62
N ARG B 257 15.08 -1.04 -38.76
CA ARG B 257 13.86 -0.62 -39.43
C ARG B 257 12.69 -0.63 -38.46
N PHE B 258 11.87 0.41 -38.48
CA PHE B 258 10.73 0.52 -37.58
C PHE B 258 9.41 0.14 -38.27
N PRO B 259 8.49 -0.55 -37.54
CA PRO B 259 7.14 -0.75 -38.08
C PRO B 259 6.52 0.59 -38.43
N SER B 260 5.69 0.60 -39.47
CA SER B 260 5.04 1.82 -39.92
C SER B 260 4.09 2.45 -38.88
N HIS B 261 3.67 1.69 -37.86
CA HIS B 261 2.80 2.26 -36.82
C HIS B 261 3.56 3.02 -35.72
N PHE B 262 4.90 2.90 -35.68
CA PHE B 262 5.71 3.65 -34.70
C PHE B 262 5.56 5.16 -34.95
N SER B 263 5.34 5.92 -33.88
CA SER B 263 5.22 7.38 -33.98
C SER B 263 6.60 8.00 -34.28
N SER B 264 6.59 9.24 -34.79
CA SER B 264 7.83 9.99 -35.03
C SER B 264 8.66 10.09 -33.75
N ASP B 265 7.99 10.36 -32.64
CA ASP B 265 8.68 10.54 -31.37
C ASP B 265 9.38 9.26 -30.91
N LEU B 266 8.68 8.13 -31.04
CA LEU B 266 9.26 6.84 -30.67
C LEU B 266 10.48 6.50 -31.51
N LYS B 267 10.36 6.63 -32.83
CA LYS B 267 11.47 6.38 -33.74
C LYS B 267 12.66 7.26 -33.41
N ASP B 268 12.41 8.55 -33.16
CA ASP B 268 13.50 9.43 -32.73
C ASP B 268 14.20 8.93 -31.45
N LEU B 269 13.41 8.59 -30.42
CA LEU B 269 13.99 8.08 -29.18
C LEU B 269 14.81 6.82 -29.42
N LEU B 270 14.23 5.87 -30.14
CA LEU B 270 14.90 4.60 -30.43
C LEU B 270 16.20 4.76 -31.23
N ARG B 271 16.19 5.63 -32.23
CA ARG B 271 17.41 5.91 -33.01
C ARG B 271 18.53 6.41 -32.08
N ASN B 272 18.15 7.16 -31.06
CA ASN B 272 19.11 7.74 -30.13
C ASN B 272 19.54 6.78 -29.02
N LEU B 273 18.69 5.82 -28.69
CA LEU B 273 19.08 4.76 -27.75
C LEU B 273 19.89 3.66 -28.43
N LEU B 274 19.51 3.31 -29.66
CA LEU B 274 20.18 2.26 -30.40
C LEU B 274 21.32 2.86 -31.23
N GLN B 275 22.12 3.71 -30.58
CA GLN B 275 23.23 4.35 -31.23
C GLN B 275 24.48 3.51 -31.01
N VAL B 276 25.06 2.99 -32.10
CA VAL B 276 26.31 2.22 -32.01
C VAL B 276 27.44 3.12 -31.48
N ASP B 277 27.42 4.39 -31.88
CA ASP B 277 28.44 5.36 -31.48
C ASP B 277 28.14 5.83 -30.05
N LEU B 278 28.98 5.41 -29.13
CA LEU B 278 28.82 5.71 -27.70
C LEU B 278 28.74 7.19 -27.36
N THR B 279 29.41 8.01 -28.15
CA THR B 279 29.48 9.46 -27.94
C THR B 279 28.17 10.11 -28.36
N LYS B 280 27.28 9.31 -28.92
CA LYS B 280 26.01 9.80 -29.42
C LYS B 280 24.79 9.14 -28.75
N ARG B 281 25.04 8.15 -27.88
CA ARG B 281 23.94 7.37 -27.31
C ARG B 281 23.29 8.07 -26.13
N PHE B 282 21.97 8.30 -26.23
CA PHE B 282 21.19 8.82 -25.10
C PHE B 282 21.45 8.03 -23.82
N GLY B 283 21.61 8.76 -22.72
CA GLY B 283 21.96 8.16 -21.43
C GLY B 283 23.46 8.22 -21.20
N ASN B 284 24.21 8.42 -22.28
CA ASN B 284 25.69 8.52 -22.22
C ASN B 284 26.26 9.90 -22.57
N LEU B 285 25.40 10.90 -22.78
CA LEU B 285 25.86 12.25 -23.13
C LEU B 285 26.06 13.11 -21.88
N LYS B 286 26.42 14.38 -22.07
CA LYS B 286 26.68 15.27 -20.93
C LYS B 286 25.48 15.36 -19.97
N ASN B 287 24.27 15.42 -20.52
CA ASN B 287 23.06 15.54 -19.70
C ASN B 287 22.50 14.21 -19.21
N GLY B 288 23.26 13.13 -19.46
CA GLY B 288 22.95 11.80 -18.93
C GLY B 288 21.53 11.33 -19.17
N VAL B 289 20.92 10.78 -18.12
CA VAL B 289 19.54 10.27 -18.16
C VAL B 289 18.52 11.34 -18.55
N ASN B 290 18.86 12.60 -18.35
CA ASN B 290 17.91 13.67 -18.65
C ASN B 290 17.53 13.81 -20.13
N ASP B 291 18.44 13.47 -21.04
CA ASP B 291 18.10 13.44 -22.48
C ASP B 291 16.97 12.47 -22.78
N ILE B 292 16.86 11.42 -21.97
CA ILE B 292 15.78 10.45 -22.10
C ILE B 292 14.49 10.94 -21.44
N LYS B 293 14.59 11.37 -20.17
CA LYS B 293 13.43 11.85 -19.43
C LYS B 293 12.77 13.07 -20.05
N ASN B 294 13.58 13.88 -20.74
CA ASN B 294 13.10 15.10 -21.37
C ASN B 294 12.70 14.92 -22.83
N HIS B 295 12.84 13.69 -23.34
CA HIS B 295 12.51 13.41 -24.73
C HIS B 295 11.03 13.57 -24.97
N LYS B 296 10.67 14.05 -26.16
CA LYS B 296 9.26 14.21 -26.53
C LYS B 296 8.38 12.98 -26.29
N TRP B 297 8.92 11.78 -26.51
CA TRP B 297 8.13 10.56 -26.30
C TRP B 297 7.65 10.40 -24.87
N PHE B 298 8.40 10.97 -23.93
CA PHE B 298 8.06 10.93 -22.51
C PHE B 298 7.38 12.23 -22.02
N ALA B 299 6.93 13.08 -22.94
CA ALA B 299 6.33 14.39 -22.57
C ALA B 299 5.16 14.25 -21.60
N THR B 300 4.34 13.23 -21.81
CA THR B 300 3.20 12.99 -20.93
C THR B 300 3.56 12.17 -19.67
N THR B 301 4.84 11.88 -19.47
CA THR B 301 5.22 11.07 -18.32
C THR B 301 5.47 11.94 -17.08
N ASP B 302 4.70 11.70 -16.03
CA ASP B 302 4.96 12.30 -14.71
C ASP B 302 5.95 11.40 -13.97
N TRP B 303 7.22 11.76 -14.01
CA TRP B 303 8.29 10.92 -13.48
C TRP B 303 8.13 10.66 -11.99
N ILE B 304 7.66 11.68 -11.26
CA ILE B 304 7.43 11.55 -9.83
C ILE B 304 6.24 10.64 -9.53
N ALA B 305 5.12 10.83 -10.23
CA ALA B 305 3.97 9.94 -10.06
C ALA B 305 4.29 8.47 -10.36
N ILE B 306 5.09 8.22 -11.39
CA ILE B 306 5.56 6.86 -11.70
C ILE B 306 6.32 6.27 -10.51
N TYR B 307 7.34 6.99 -10.04
CA TYR B 307 8.15 6.58 -8.89
C TYR B 307 7.31 6.26 -7.66
N GLN B 308 6.31 7.11 -7.40
CA GLN B 308 5.44 6.98 -6.25
C GLN B 308 4.36 5.95 -6.51
N ARG B 309 4.40 5.34 -7.70
CA ARG B 309 3.42 4.33 -8.09
C ARG B 309 1.99 4.85 -8.07
N LYS B 310 1.80 6.11 -8.47
CA LYS B 310 0.47 6.74 -8.43
C LYS B 310 -0.23 6.77 -9.79
N VAL B 311 0.50 6.40 -10.83
CA VAL B 311 -0.09 6.31 -12.17
C VAL B 311 -0.90 5.03 -12.27
N GLU B 312 -2.07 5.11 -12.90
CA GLU B 312 -2.89 3.94 -13.13
C GLU B 312 -2.21 3.08 -14.19
N ALA B 313 -2.10 1.79 -13.90
CA ALA B 313 -1.44 0.84 -14.79
C ALA B 313 -2.31 0.53 -16.01
N PRO B 314 -1.66 0.17 -17.13
CA PRO B 314 -2.42 -0.11 -18.35
C PRO B 314 -3.19 -1.43 -18.24
N PHE B 315 -2.74 -2.35 -17.40
CA PHE B 315 -3.53 -3.53 -17.02
C PHE B 315 -3.04 -4.23 -15.77
N ILE B 316 -3.96 -4.89 -15.08
CA ILE B 316 -3.65 -5.69 -13.92
C ILE B 316 -3.72 -7.14 -14.37
N PRO B 317 -2.65 -7.92 -14.10
CA PRO B 317 -2.67 -9.33 -14.49
C PRO B 317 -3.67 -10.14 -13.66
N LYS B 318 -4.23 -11.18 -14.28
CA LYS B 318 -5.16 -12.10 -13.62
C LYS B 318 -4.44 -13.30 -13.00
N ILE B 336 14.71 -30.26 -2.04
CA ILE B 336 15.82 -29.56 -1.32
C ILE B 336 16.60 -30.52 -0.42
N ARG B 337 17.54 -31.25 -1.01
CA ARG B 337 18.40 -32.13 -0.24
C ARG B 337 19.51 -31.29 0.41
N VAL B 338 19.80 -31.60 1.68
CA VAL B 338 20.92 -30.95 2.34
C VAL B 338 21.88 -32.06 2.76
N SEP B 339 23.07 -32.06 2.15
CA SEP B 339 24.12 -33.03 2.46
CB SEP B 339 25.30 -32.81 1.52
OG SEP B 339 26.46 -33.54 1.93
C SEP B 339 24.56 -32.89 3.92
O SEP B 339 24.41 -31.83 4.53
P SEP B 339 26.51 -35.05 1.33
O1P SEP B 339 28.02 -35.42 1.10
O2P SEP B 339 25.71 -35.19 -0.04
O3P SEP B 339 25.79 -35.99 2.41
N ILE B 340 25.11 -33.97 4.47
CA ILE B 340 25.61 -33.94 5.82
C ILE B 340 26.99 -33.26 5.87
N ASN B 341 27.55 -33.01 4.69
CA ASN B 341 28.87 -32.41 4.56
C ASN B 341 28.84 -31.05 3.89
N GLU B 342 29.62 -30.10 4.40
CA GLU B 342 29.66 -28.77 3.79
C GLU B 342 30.38 -28.78 2.43
N LYS B 343 29.67 -28.32 1.39
CA LYS B 343 30.22 -28.21 0.03
C LYS B 343 30.66 -26.79 -0.30
N CYS B 344 31.80 -26.66 -0.99
CA CYS B 344 32.23 -25.38 -1.57
C CYS B 344 32.29 -24.24 -0.53
N GLY B 345 32.78 -24.56 0.67
CA GLY B 345 32.85 -23.58 1.78
C GLY B 345 33.67 -22.35 1.44
N LYS B 346 34.85 -22.58 0.87
CA LYS B 346 35.73 -21.48 0.50
C LYS B 346 35.09 -20.60 -0.58
N GLU B 347 34.56 -21.23 -1.60
CA GLU B 347 34.04 -20.51 -2.76
C GLU B 347 32.96 -19.50 -2.34
N PHE B 348 32.10 -19.91 -1.42
CA PHE B 348 30.98 -19.07 -0.98
C PHE B 348 31.12 -18.45 0.42
N SER B 349 32.35 -18.36 0.92
CA SER B 349 32.59 -17.85 2.27
C SER B 349 31.95 -16.48 2.54
N GLU B 350 31.96 -15.59 1.56
CA GLU B 350 31.42 -14.22 1.69
C GLU B 350 29.88 -14.14 1.56
N PHE B 351 29.26 -15.22 1.07
CA PHE B 351 27.80 -15.24 0.88
C PHE B 351 27.09 -15.22 2.24
N1 A02 C . 8.30 -13.74 -7.59
C2 A02 C . 7.56 -14.52 -8.38
N3 A02 C . 8.11 -15.25 -9.35
C4 A02 C . 9.44 -15.21 -9.56
C5 A02 C . 10.23 -14.39 -8.77
C6 A02 C . 9.63 -13.65 -7.76
N6 A02 C . 10.37 -12.85 -7.00
N7 A02 C . 11.50 -14.52 -9.18
C8 A02 C . 11.49 -15.38 -10.19
N9 A02 C . 10.24 -15.80 -10.44
OAL A02 C . 12.99 -17.84 -11.73
OAN A02 C . 9.03 -18.16 -13.98
OAO A02 C . 9.44 -15.56 -13.59
OBV A02 C . 10.30 -18.14 -11.26
CCC A02 C . 12.41 -18.67 -12.45
CCK A02 C . 10.37 -17.78 -13.61
CCL A02 C . 10.34 -16.43 -12.91
CCM A02 C . 10.86 -18.69 -12.48
CCN A02 C . 9.80 -16.79 -11.52
CBZ A02 C . 19.53 -20.81 -12.78
OAI A02 C . 19.61 -22.02 -13.01
CBG A02 C . 19.02 -20.30 -11.42
CAX A02 C . 17.53 -20.62 -11.20
CAU A02 C . 16.70 -20.23 -12.42
CAW A02 C . 15.19 -20.19 -12.13
CBD A02 C . 14.49 -19.66 -13.37
NBR A02 C . 13.03 -19.57 -13.21
NBS A02 C . 19.82 -19.85 -13.68
CCI A02 C . 20.32 -20.18 -15.04
CCB A02 C . 19.20 -20.84 -15.89
OAK A02 C . 18.03 -20.59 -15.66
CBJ A02 C . 20.96 -18.94 -15.73
CAZ A02 C . 19.97 -17.85 -16.15
CAS A02 C . 20.71 -16.71 -16.89
CAR A02 C . 19.95 -15.38 -16.77
NAC A02 C . 19.78 -14.77 -18.09
CCA A02 C . 17.02 -20.97 -23.01
OAJ A02 C . 18.02 -20.50 -23.58
CBH A02 C . 17.04 -22.40 -22.48
CAY A02 C . 18.20 -22.63 -21.49
CAT A02 C . 17.72 -22.57 -20.03
CAV A02 C . 18.74 -21.85 -19.13
CBC A02 C . 18.68 -22.42 -17.71
NBQ A02 C . 19.62 -21.69 -16.82
NBT A02 C . 15.87 -20.31 -22.84
CCJ A02 C . 15.65 -18.92 -23.30
CBK A02 C . 14.36 -18.32 -22.67
CBB A02 C . 13.29 -19.36 -22.32
CBF A02 C . 12.51 -19.85 -23.55
NBP A02 C . 12.91 -21.24 -23.83
CBX A02 C . 12.57 -21.92 -24.94
NAB A02 C . 11.87 -21.37 -25.92
NAE A02 C . 12.98 -23.18 -25.06
CCD A02 C . 15.62 -18.85 -24.85
OAM A02 C . 15.81 -19.85 -25.52
N A02 C . 15.39 -17.64 -25.35
CA A02 C . 15.32 -17.36 -26.80
CB A02 C . 15.34 -15.85 -27.04
CG A02 C . 14.39 -15.11 -26.10
CD A02 C . 15.00 -13.81 -25.60
NE A02 C . 14.61 -12.76 -26.53
CZ A02 C . 13.65 -11.86 -26.30
NH1 A02 C . 12.96 -11.80 -25.17
NH2 A02 C . 13.41 -10.98 -27.28
C A02 C . 14.05 -17.98 -27.44
O A02 C . 12.97 -18.01 -26.84
NAF A02 C . 14.22 -18.45 -28.68
#